data_3IUP
#
_entry.id   3IUP
#
_cell.length_a   60.484
_cell.length_b   77.927
_cell.length_c   85.447
_cell.angle_alpha   90.000
_cell.angle_beta   109.210
_cell.angle_gamma   90.000
#
_symmetry.space_group_name_H-M   'P 1 21 1'
#
loop_
_entity.id
_entity.type
_entity.pdbx_description
1 polymer 'Putative NADPH:quinone oxidoreductase'
2 non-polymer 'NADPH DIHYDRO-NICOTINAMIDE-ADENINE-DINUCLEOTIDE PHOSPHATE'
3 non-polymer 1,2-ETHANEDIOL
4 non-polymer 'ACETATE ION'
5 water water
#
_entity_poly.entity_id   1
_entity_poly.type   'polypeptide(L)'
_entity_poly.pdbx_seq_one_letter_code
;G(MSE)HSALQLRSRIKSSGELELSLDSIDTPHPGPDEVLIRIEASPLNPSDLGLLFGAAD(MSE)STAKASGTAERPIV
TARVPEGA(MSE)RS(MSE)AGRLDAS(MSE)PVGNEGAGVVVEAGSSPAAQAL(MSE)GKTVAAIGGA(MSE)YSQYRC
IPADQCLVLPEGATPADGASSFVNPLTALG(MSE)VET(MSE)RLEGHSALVHTAAASNLGQ(MSE)LNQICLKDGIKLV
NIVRKQEQADLLKAQGAVHVCNAASPTF(MSE)QDLTEALVSTGATIAFDATGGGKLGGQILTC(MSE)EAALNKSAREY
SRYGSTTHKQVYLYGGLDTSPTEFNRNFG(MSE)AWG(MSE)GGWLLFPFLQKIGRERANALKQRVVAELKTTFASHYSK
EISLAEVLDLD(MSE)IAVYNKRATGEKYLINPNKGLAG
;
_entity_poly.pdbx_strand_id   A,B
#
# COMPACT_ATOMS: atom_id res chain seq x y z
N HIS A 3 2.73 -39.39 -32.19
CA HIS A 3 3.08 -38.29 -33.12
C HIS A 3 3.79 -37.15 -32.36
N SER A 4 4.19 -36.14 -33.11
CA SER A 4 4.66 -34.91 -32.49
C SER A 4 4.02 -33.75 -33.24
N ALA A 5 4.08 -32.59 -32.61
CA ALA A 5 3.43 -31.41 -33.10
C ALA A 5 4.14 -30.22 -32.48
N LEU A 6 3.75 -29.01 -32.85
CA LEU A 6 4.54 -27.86 -32.51
C LEU A 6 4.05 -27.18 -31.24
N GLN A 7 4.99 -26.57 -30.52
CA GLN A 7 4.68 -25.71 -29.38
CA GLN A 7 4.69 -25.75 -29.35
C GLN A 7 5.67 -24.57 -29.35
N LEU A 8 5.20 -23.37 -29.07
CA LEU A 8 6.12 -22.25 -29.02
C LEU A 8 6.99 -22.37 -27.76
N ARG A 9 8.24 -21.96 -27.86
CA ARG A 9 9.12 -21.89 -26.71
CA ARG A 9 9.13 -21.89 -26.71
C ARG A 9 9.83 -20.54 -26.64
N SER A 10 9.96 -20.04 -25.43
CA SER A 10 10.68 -18.80 -25.14
C SER A 10 11.87 -19.12 -24.23
N ARG A 11 13.08 -18.88 -24.71
CA ARG A 11 14.33 -19.23 -24.01
CA ARG A 11 14.31 -19.22 -24.00
CA ARG A 11 14.28 -19.21 -23.96
C ARG A 11 15.14 -17.98 -23.73
N ILE A 12 15.30 -17.59 -22.47
CA ILE A 12 16.30 -16.54 -22.14
C ILE A 12 17.54 -17.24 -21.61
N LYS A 13 18.64 -17.02 -22.29
CA LYS A 13 19.88 -17.71 -22.04
C LYS A 13 20.80 -16.88 -21.15
N SER A 14 21.73 -17.55 -20.49
CA SER A 14 22.66 -16.89 -19.62
C SER A 14 23.53 -15.93 -20.42
N SER A 15 23.67 -16.19 -21.71
CA SER A 15 24.36 -15.29 -22.65
C SER A 15 23.70 -13.90 -22.84
N GLY A 16 22.48 -13.68 -22.31
CA GLY A 16 21.77 -12.40 -22.47
C GLY A 16 20.85 -12.39 -23.68
N GLU A 17 20.71 -13.53 -24.34
CA GLU A 17 19.90 -13.64 -25.55
C GLU A 17 18.55 -14.29 -25.25
N LEU A 18 17.49 -13.68 -25.75
CA LEU A 18 16.17 -14.30 -25.89
C LEU A 18 16.12 -15.01 -27.24
N GLU A 19 15.76 -16.29 -27.26
CA GLU A 19 15.38 -17.02 -28.47
C GLU A 19 13.93 -17.54 -28.37
N LEU A 20 13.14 -17.18 -29.39
CA LEU A 20 11.78 -17.63 -29.56
C LEU A 20 11.76 -18.56 -30.72
N SER A 21 11.07 -19.69 -30.55
CA SER A 21 11.04 -20.72 -31.59
C SER A 21 9.80 -21.58 -31.46
N LEU A 22 9.51 -22.34 -32.50
CA LEU A 22 8.52 -23.38 -32.49
C LEU A 22 9.25 -24.72 -32.32
N ASP A 23 9.02 -25.42 -31.22
CA ASP A 23 9.67 -26.68 -30.95
C ASP A 23 8.75 -27.80 -31.42
N SER A 24 9.37 -28.89 -31.84
CA SER A 24 8.65 -30.11 -32.13
C SER A 24 8.65 -30.89 -30.84
N ILE A 25 7.45 -31.21 -30.36
CA ILE A 25 7.17 -31.80 -29.03
C ILE A 25 6.38 -33.09 -29.22
N ASP A 26 6.82 -34.22 -28.63
CA ASP A 26 6.07 -35.46 -28.78
C ASP A 26 4.72 -35.22 -28.13
N THR A 27 3.67 -35.69 -28.75
CA THR A 27 2.35 -35.50 -28.20
C THR A 27 2.02 -36.64 -27.22
N PRO A 28 1.71 -36.34 -25.94
CA PRO A 28 1.40 -37.44 -25.03
C PRO A 28 0.08 -38.12 -25.33
N HIS A 29 -0.06 -39.36 -24.89
CA HIS A 29 -1.37 -39.97 -24.78
C HIS A 29 -1.79 -39.73 -23.35
N PRO A 30 -3.07 -39.37 -23.13
CA PRO A 30 -3.50 -38.99 -21.79
C PRO A 30 -3.57 -40.17 -20.81
N GLY A 31 -3.10 -39.98 -19.58
CA GLY A 31 -3.36 -40.94 -18.50
C GLY A 31 -4.85 -40.96 -18.16
N PRO A 32 -5.26 -41.84 -17.23
CA PRO A 32 -6.65 -41.99 -16.79
C PRO A 32 -7.43 -40.71 -16.48
N ASP A 33 -6.80 -39.72 -15.84
CA ASP A 33 -7.49 -38.51 -15.46
C ASP A 33 -7.22 -37.36 -16.41
N GLU A 34 -6.64 -37.65 -17.57
CA GLU A 34 -6.26 -36.60 -18.52
C GLU A 34 -7.04 -36.64 -19.84
N VAL A 35 -6.98 -35.52 -20.55
CA VAL A 35 -7.52 -35.43 -21.92
C VAL A 35 -6.50 -34.76 -22.81
N LEU A 36 -6.58 -35.01 -24.11
CA LEU A 36 -5.74 -34.35 -25.06
C LEU A 36 -6.60 -33.39 -25.82
N ILE A 37 -6.23 -32.10 -25.80
CA ILE A 37 -6.97 -31.05 -26.47
C ILE A 37 -6.23 -30.56 -27.70
N ARG A 38 -6.93 -30.49 -28.83
CA ARG A 38 -6.41 -29.81 -30.02
C ARG A 38 -6.75 -28.33 -29.84
N ILE A 39 -5.76 -27.49 -29.60
CA ILE A 39 -6.03 -26.09 -29.24
CA ILE A 39 -6.00 -26.08 -29.26
C ILE A 39 -6.27 -25.28 -30.53
N GLU A 40 -7.40 -24.58 -30.58
CA GLU A 40 -7.81 -23.83 -31.77
C GLU A 40 -7.89 -22.32 -31.53
N ALA A 41 -7.74 -21.89 -30.27
CA ALA A 41 -7.89 -20.46 -29.94
C ALA A 41 -7.19 -20.18 -28.62
N SER A 42 -6.24 -19.26 -28.62
CA SER A 42 -5.58 -18.86 -27.40
C SER A 42 -5.15 -17.39 -27.53
N PRO A 43 -5.51 -16.54 -26.57
CA PRO A 43 -5.27 -15.13 -26.73
C PRO A 43 -3.85 -14.77 -26.35
N LEU A 44 -3.34 -13.67 -26.93
CA LEU A 44 -2.11 -13.05 -26.52
C LEU A 44 -2.44 -11.93 -25.53
N ASN A 45 -2.43 -12.25 -24.27
CA ASN A 45 -2.76 -11.30 -23.23
C ASN A 45 -1.43 -10.69 -22.72
N PRO A 46 -1.51 -9.54 -22.05
CA PRO A 46 -0.31 -8.90 -21.49
C PRO A 46 0.51 -9.79 -20.57
N SER A 47 -0.14 -10.63 -19.76
CA SER A 47 0.57 -11.62 -18.93
C SER A 47 1.39 -12.57 -19.80
N ASP A 48 0.84 -12.95 -20.96
CA ASP A 48 1.56 -13.85 -21.87
C ASP A 48 2.74 -13.18 -22.52
N LEU A 49 2.58 -11.90 -22.90
CA LEU A 49 3.62 -11.18 -23.58
C LEU A 49 4.82 -11.03 -22.64
N GLY A 50 4.54 -10.90 -21.35
CA GLY A 50 5.59 -10.79 -20.32
C GLY A 50 6.48 -12.01 -20.34
N LEU A 51 5.86 -13.16 -20.43
CA LEU A 51 6.63 -14.42 -20.46
C LEU A 51 7.28 -14.64 -21.82
N LEU A 52 6.54 -14.32 -22.87
CA LEU A 52 7.01 -14.52 -24.22
C LEU A 52 8.34 -13.79 -24.51
N PHE A 53 8.40 -12.52 -24.12
CA PHE A 53 9.54 -11.69 -24.45
C PHE A 53 10.45 -11.45 -23.27
N GLY A 54 9.97 -11.75 -22.08
CA GLY A 54 10.76 -11.49 -20.87
C GLY A 54 11.14 -10.02 -20.78
N ALA A 55 12.31 -9.77 -20.22
CA ALA A 55 12.88 -8.41 -20.14
C ALA A 55 13.66 -8.07 -21.39
N ALA A 56 13.44 -8.76 -22.51
CA ALA A 56 14.18 -8.46 -23.72
C ALA A 56 13.81 -7.05 -24.20
N ASP A 57 14.80 -6.40 -24.78
CA ASP A 57 14.60 -5.09 -25.39
C ASP A 57 14.22 -5.45 -26.83
N SER A 59 13.25 -3.84 -29.28
CA SER A 59 13.78 -2.92 -30.27
C SER A 59 15.06 -3.50 -30.85
N THR A 60 15.65 -4.51 -30.19
CA THR A 60 16.85 -5.23 -30.67
C THR A 60 16.53 -6.61 -31.29
N ALA A 61 15.25 -6.91 -31.52
CA ALA A 61 14.84 -8.26 -31.98
C ALA A 61 15.21 -8.45 -33.44
N LYS A 62 15.49 -9.69 -33.83
CA LYS A 62 15.96 -10.06 -35.14
C LYS A 62 15.35 -11.38 -35.57
N ALA A 63 15.05 -11.49 -36.86
CA ALA A 63 14.35 -12.66 -37.41
C ALA A 63 15.32 -13.57 -38.03
N SER A 64 15.08 -14.88 -37.91
CA SER A 64 15.87 -15.87 -38.61
C SER A 64 15.04 -17.12 -38.67
N GLY A 65 15.63 -18.25 -39.02
CA GLY A 65 14.85 -19.47 -39.15
C GLY A 65 14.18 -19.50 -40.49
N THR A 66 13.11 -20.29 -40.63
CA THR A 66 12.35 -20.34 -41.88
C THR A 66 10.93 -19.79 -41.68
N ALA A 67 10.14 -19.78 -42.76
CA ALA A 67 8.77 -19.23 -42.74
C ALA A 67 7.83 -20.09 -41.87
N GLU A 68 7.94 -21.40 -42.03
CA GLU A 68 7.13 -22.36 -41.26
C GLU A 68 7.72 -22.60 -39.84
N ARG A 69 9.01 -22.35 -39.68
CA ARG A 69 9.74 -22.56 -38.42
C ARG A 69 10.62 -21.36 -38.11
N PRO A 70 9.98 -20.23 -37.78
CA PRO A 70 10.70 -19.02 -37.53
C PRO A 70 11.39 -19.00 -36.17
N ILE A 71 12.47 -18.22 -36.11
CA ILE A 71 13.20 -17.87 -34.89
C ILE A 71 13.30 -16.36 -34.70
N VAL A 72 13.07 -15.88 -33.49
CA VAL A 72 13.36 -14.51 -33.15
C VAL A 72 14.40 -14.52 -32.02
N THR A 73 15.46 -13.72 -32.18
CA THR A 73 16.43 -13.45 -31.11
C THR A 73 16.52 -11.97 -30.77
N ALA A 74 16.79 -11.66 -29.51
CA ALA A 74 16.84 -10.26 -29.04
C ALA A 74 17.74 -10.25 -27.82
N ARG A 75 18.14 -9.06 -27.34
CA ARG A 75 19.03 -8.96 -26.21
C ARG A 75 18.29 -8.50 -24.98
N VAL A 76 18.64 -9.09 -23.84
CA VAL A 76 18.17 -8.65 -22.56
C VAL A 76 19.28 -7.74 -22.00
N PRO A 77 18.92 -6.54 -21.50
CA PRO A 77 19.98 -5.71 -20.96
C PRO A 77 20.50 -6.19 -19.60
N GLU A 78 21.80 -5.97 -19.32
CA GLU A 78 22.46 -6.56 -18.12
C GLU A 78 21.67 -6.21 -16.86
N GLY A 79 21.14 -4.98 -16.85
CA GLY A 79 20.38 -4.49 -15.73
C GLY A 79 19.10 -5.23 -15.43
N ALA A 80 18.55 -5.86 -16.47
CA ALA A 80 17.37 -6.71 -16.31
C ALA A 80 17.69 -8.21 -16.02
N ARG A 82 19.10 -9.86 -13.59
CA ARG A 82 18.74 -10.29 -12.22
C ARG A 82 17.28 -10.67 -12.17
N SER A 83 16.43 -9.86 -12.83
CA SER A 83 15.01 -10.13 -12.90
C SER A 83 14.74 -11.41 -13.69
N ALA A 85 16.71 -14.08 -13.61
CA ALA A 85 17.51 -15.13 -13.01
C ALA A 85 16.78 -16.49 -12.90
N GLY A 86 15.54 -16.48 -12.44
CA GLY A 86 14.75 -17.69 -12.23
C GLY A 86 14.48 -18.54 -13.49
N ARG A 87 14.61 -17.95 -14.68
CA ARG A 87 14.29 -18.65 -15.91
C ARG A 87 15.47 -18.82 -16.85
N LEU A 88 16.66 -18.45 -16.41
CA LEU A 88 17.83 -18.50 -17.28
C LEU A 88 18.05 -19.94 -17.74
N ASP A 89 18.25 -20.09 -19.05
CA ASP A 89 18.56 -21.36 -19.70
C ASP A 89 17.38 -22.36 -19.64
N ALA A 90 16.20 -21.85 -19.33
CA ALA A 90 14.99 -22.70 -19.31
C ALA A 90 14.21 -22.48 -20.60
N SER A 91 13.73 -23.57 -21.20
CA SER A 91 12.92 -23.44 -22.36
C SER A 91 11.45 -23.37 -21.92
N PRO A 93 7.45 -22.90 -22.11
CA PRO A 93 6.23 -22.85 -22.86
C PRO A 93 5.47 -21.58 -22.52
N VAL A 94 4.56 -21.14 -23.39
CA VAL A 94 3.90 -19.86 -23.19
C VAL A 94 2.42 -20.03 -23.45
N GLY A 95 1.60 -19.18 -22.81
CA GLY A 95 0.19 -19.10 -23.07
C GLY A 95 -0.60 -19.65 -21.92
N ASN A 96 -1.22 -18.76 -21.15
CA ASN A 96 -1.96 -19.17 -19.95
C ASN A 96 -3.19 -19.98 -20.26
N GLU A 97 -3.99 -19.51 -21.22
CA GLU A 97 -5.34 -20.01 -21.40
C GLU A 97 -5.64 -20.24 -22.87
N GLY A 98 -6.58 -21.10 -23.13
CA GLY A 98 -7.06 -21.30 -24.49
C GLY A 98 -8.21 -22.28 -24.57
N ALA A 99 -8.59 -22.60 -25.78
CA ALA A 99 -9.76 -23.43 -25.98
C ALA A 99 -9.56 -24.28 -27.19
N GLY A 100 -10.21 -25.44 -27.19
CA GLY A 100 -10.14 -26.32 -28.32
C GLY A 100 -11.04 -27.53 -28.16
N VAL A 101 -10.72 -28.57 -28.89
CA VAL A 101 -11.54 -29.78 -28.92
C VAL A 101 -10.80 -30.96 -28.30
N VAL A 102 -11.49 -31.73 -27.48
CA VAL A 102 -10.93 -32.92 -26.87
C VAL A 102 -10.97 -34.03 -27.88
N VAL A 103 -9.78 -34.49 -28.27
CA VAL A 103 -9.60 -35.50 -29.30
C VAL A 103 -9.14 -36.85 -28.75
N GLU A 104 -8.62 -36.89 -27.52
CA GLU A 104 -8.36 -38.16 -26.85
C GLU A 104 -8.71 -37.99 -25.38
N ALA A 105 -9.17 -39.07 -24.76
CA ALA A 105 -9.55 -39.04 -23.35
C ALA A 105 -9.00 -40.28 -22.64
N GLY A 106 -8.48 -40.07 -21.43
CA GLY A 106 -8.04 -41.18 -20.59
C GLY A 106 -9.26 -41.97 -20.17
N SER A 107 -9.01 -43.09 -19.51
CA SER A 107 -10.06 -44.07 -19.20
C SER A 107 -11.07 -43.67 -18.12
N SER A 108 -10.73 -42.71 -17.27
CA SER A 108 -11.61 -42.38 -16.14
C SER A 108 -12.93 -41.81 -16.68
N PRO A 109 -14.04 -42.07 -15.97
CA PRO A 109 -15.30 -41.48 -16.43
C PRO A 109 -15.24 -39.97 -16.58
N ALA A 110 -14.53 -39.30 -15.67
CA ALA A 110 -14.38 -37.87 -15.75
C ALA A 110 -13.76 -37.43 -17.09
N ALA A 111 -12.71 -38.14 -17.52
CA ALA A 111 -12.03 -37.81 -18.79
C ALA A 111 -12.90 -38.22 -20.01
N GLN A 112 -13.48 -39.41 -19.95
CA GLN A 112 -14.38 -39.89 -21.02
C GLN A 112 -15.53 -38.91 -21.26
N ALA A 113 -16.03 -38.27 -20.20
CA ALA A 113 -17.19 -37.37 -20.34
C ALA A 113 -16.84 -36.16 -21.18
N LEU A 114 -15.56 -35.88 -21.34
CA LEU A 114 -15.14 -34.74 -22.13
C LEU A 114 -14.85 -35.09 -23.58
N GLY A 116 -14.64 -35.33 -27.26
CA GLY A 116 -15.31 -34.63 -28.34
C GLY A 116 -15.87 -33.28 -28.00
N LYS A 117 -15.77 -32.87 -26.74
CA LYS A 117 -16.28 -31.59 -26.31
C LYS A 117 -15.31 -30.44 -26.64
N THR A 118 -15.92 -29.28 -26.80
CA THR A 118 -15.19 -28.02 -26.88
C THR A 118 -15.05 -27.51 -25.47
N VAL A 119 -13.79 -27.32 -25.09
CA VAL A 119 -13.39 -26.92 -23.75
C VAL A 119 -12.43 -25.74 -23.75
N ALA A 120 -12.38 -25.05 -22.61
CA ALA A 120 -11.34 -24.05 -22.29
C ALA A 120 -10.55 -24.55 -21.11
N ALA A 121 -9.29 -24.17 -21.04
CA ALA A 121 -8.44 -24.49 -19.88
C ALA A 121 -7.47 -23.39 -19.62
N ILE A 122 -7.06 -23.19 -18.35
CA ILE A 122 -5.98 -22.27 -18.04
C ILE A 122 -4.76 -23.09 -17.63
N GLY A 123 -4.29 -23.90 -18.53
CA GLY A 123 -3.31 -24.93 -18.21
C GLY A 123 -1.89 -24.44 -18.31
N GLY A 124 -1.67 -23.27 -18.91
CA GLY A 124 -0.31 -22.92 -19.32
C GLY A 124 0.05 -23.71 -20.57
N ALA A 125 1.13 -23.26 -21.24
CA ALA A 125 1.61 -23.91 -22.46
C ALA A 125 0.51 -24.06 -23.52
N TYR A 127 0.05 -22.13 -26.17
CA TYR A 127 0.51 -21.81 -27.54
C TYR A 127 1.18 -23.08 -28.10
N SER A 128 0.32 -24.03 -28.42
CA SER A 128 0.71 -25.44 -28.68
C SER A 128 -0.37 -26.05 -29.53
N GLN A 129 0.00 -26.91 -30.47
CA GLN A 129 -1.05 -27.55 -31.23
C GLN A 129 -1.93 -28.47 -30.38
N TYR A 130 -1.31 -29.20 -29.45
CA TYR A 130 -2.03 -30.18 -28.58
C TYR A 130 -1.57 -30.02 -27.19
N ARG A 131 -2.51 -30.12 -26.23
CA ARG A 131 -2.15 -30.10 -24.80
C ARG A 131 -2.83 -31.24 -24.09
N CYS A 132 -2.06 -31.95 -23.29
CA CYS A 132 -2.52 -33.04 -22.46
C CYS A 132 -2.66 -32.51 -21.05
N ILE A 133 -3.90 -32.39 -20.61
CA ILE A 133 -4.14 -31.77 -19.33
C ILE A 133 -5.17 -32.52 -18.54
N PRO A 134 -5.17 -32.35 -17.21
CA PRO A 134 -6.18 -33.04 -16.41
C PRO A 134 -7.59 -32.63 -16.75
N ALA A 135 -8.43 -33.65 -16.84
CA ALA A 135 -9.86 -33.49 -16.99
C ALA A 135 -10.39 -32.41 -16.06
N ASP A 136 -9.88 -32.38 -14.81
CA ASP A 136 -10.44 -31.46 -13.84
C ASP A 136 -10.02 -30.01 -14.06
N GLN A 137 -9.20 -29.74 -15.08
CA GLN A 137 -8.85 -28.36 -15.42
C GLN A 137 -9.56 -27.82 -16.66
N CYS A 138 -10.50 -28.58 -17.19
CA CYS A 138 -11.22 -28.23 -18.37
C CYS A 138 -12.57 -27.63 -18.02
N LEU A 139 -12.91 -26.51 -18.64
CA LEU A 139 -14.22 -25.91 -18.53
C LEU A 139 -14.97 -26.24 -19.81
N VAL A 140 -16.08 -26.98 -19.69
CA VAL A 140 -16.90 -27.32 -20.86
C VAL A 140 -17.68 -26.09 -21.34
N LEU A 141 -17.53 -25.76 -22.62
CA LEU A 141 -18.12 -24.55 -23.15
C LEU A 141 -19.59 -24.79 -23.50
N PRO A 142 -20.42 -23.75 -23.48
CA PRO A 142 -21.83 -23.95 -23.81
C PRO A 142 -22.08 -24.26 -25.29
N GLU A 143 -23.26 -24.78 -25.57
CA GLU A 143 -23.65 -25.15 -26.93
C GLU A 143 -23.53 -23.93 -27.82
N GLY A 144 -22.99 -24.14 -29.02
CA GLY A 144 -22.84 -23.05 -29.97
C GLY A 144 -21.65 -22.15 -29.71
N ALA A 145 -20.80 -22.47 -28.71
CA ALA A 145 -19.56 -21.72 -28.50
C ALA A 145 -18.42 -22.37 -29.28
N THR A 146 -17.76 -21.63 -30.17
CA THR A 146 -16.55 -22.09 -30.87
C THR A 146 -15.36 -21.98 -29.90
N PRO A 147 -14.22 -22.63 -30.21
CA PRO A 147 -13.03 -22.33 -29.40
C PRO A 147 -12.73 -20.82 -29.28
N ALA A 148 -12.84 -20.08 -30.39
CA ALA A 148 -12.68 -18.62 -30.32
C ALA A 148 -13.57 -17.96 -29.28
N ASP A 149 -14.84 -18.37 -29.24
CA ASP A 149 -15.79 -17.84 -28.26
C ASP A 149 -15.36 -18.09 -26.81
N GLY A 150 -14.63 -19.16 -26.56
CA GLY A 150 -14.18 -19.50 -25.21
C GLY A 150 -12.72 -19.34 -24.90
N ALA A 151 -11.99 -18.74 -25.83
CA ALA A 151 -10.53 -18.69 -25.74
C ALA A 151 -10.03 -17.90 -24.52
N SER A 152 -10.86 -16.95 -24.10
CA SER A 152 -10.52 -15.99 -23.07
C SER A 152 -11.45 -16.17 -21.89
N SER A 153 -11.78 -17.41 -21.54
CA SER A 153 -12.80 -17.67 -20.51
C SER A 153 -12.30 -17.40 -19.09
N PHE A 154 -11.00 -17.41 -18.88
CA PHE A 154 -10.48 -17.37 -17.51
C PHE A 154 -9.91 -16.02 -17.08
N VAL A 155 -8.87 -15.56 -17.77
CA VAL A 155 -8.03 -14.51 -17.22
C VAL A 155 -8.84 -13.20 -17.07
N ASN A 156 -9.41 -12.72 -18.15
CA ASN A 156 -10.20 -11.48 -18.07
C ASN A 156 -11.55 -11.58 -17.35
N PRO A 157 -12.36 -12.61 -17.67
CA PRO A 157 -13.63 -12.69 -16.99
C PRO A 157 -13.53 -12.87 -15.47
N LEU A 158 -12.63 -13.74 -15.01
CA LEU A 158 -12.55 -14.00 -13.59
C LEU A 158 -11.90 -12.84 -12.87
N THR A 159 -10.99 -12.14 -13.54
CA THR A 159 -10.39 -10.97 -12.93
C THR A 159 -11.45 -9.90 -12.78
N ALA A 160 -12.27 -9.69 -13.80
CA ALA A 160 -13.33 -8.67 -13.70
C ALA A 160 -14.28 -9.02 -12.58
N LEU A 161 -14.72 -10.27 -12.55
CA LEU A 161 -15.56 -10.69 -11.43
C LEU A 161 -14.82 -10.58 -10.11
N GLY A 162 -13.55 -10.90 -10.10
CA GLY A 162 -12.77 -10.80 -8.89
C GLY A 162 -12.59 -9.42 -8.33
N VAL A 164 -15.01 -7.12 -8.49
CA VAL A 164 -16.26 -6.94 -7.79
C VAL A 164 -16.31 -7.76 -6.47
N GLU A 165 -15.82 -8.98 -6.55
CA GLU A 165 -15.72 -9.83 -5.35
C GLU A 165 -14.82 -9.21 -4.25
N THR A 166 -13.64 -8.74 -4.62
CA THR A 166 -12.76 -8.05 -3.74
C THR A 166 -13.37 -6.78 -3.14
N ARG A 168 -16.50 -6.17 -2.56
CA ARG A 168 -17.43 -6.65 -1.53
C ARG A 168 -16.75 -7.24 -0.31
N LEU A 169 -15.75 -8.09 -0.52
CA LEU A 169 -15.01 -8.68 0.59
C LEU A 169 -14.33 -7.65 1.47
N GLU A 170 -13.87 -6.57 0.90
CA GLU A 170 -13.09 -5.59 1.68
C GLU A 170 -13.97 -4.42 2.11
N GLY A 171 -15.26 -4.54 1.92
CA GLY A 171 -16.22 -3.64 2.54
C GLY A 171 -16.54 -2.37 1.80
N HIS A 172 -16.32 -2.37 0.50
CA HIS A 172 -16.52 -1.20 -0.37
C HIS A 172 -17.85 -1.41 -1.11
N SER A 173 -18.45 -0.35 -1.59
CA SER A 173 -19.74 -0.47 -2.26
C SER A 173 -19.66 -0.12 -3.76
N ALA A 174 -18.57 0.52 -4.17
CA ALA A 174 -18.39 0.86 -5.59
C ALA A 174 -16.91 0.89 -5.91
N LEU A 175 -16.57 0.89 -7.19
CA LEU A 175 -15.20 0.79 -7.58
C LEU A 175 -14.79 1.68 -8.76
N VAL A 176 -13.48 1.84 -8.86
CA VAL A 176 -12.80 2.52 -9.93
C VAL A 176 -11.93 1.53 -10.71
N HIS A 177 -11.87 1.69 -12.04
CA HIS A 177 -11.04 0.84 -12.88
C HIS A 177 -10.33 1.69 -13.93
N THR A 178 -9.04 1.52 -14.07
CA THR A 178 -8.23 2.26 -15.03
C THR A 178 -7.94 1.42 -16.30
N ALA A 179 -7.38 2.09 -17.30
CA ALA A 179 -7.22 1.53 -18.65
C ALA A 179 -8.53 0.83 -19.05
N ALA A 180 -9.64 1.52 -18.79
CA ALA A 180 -10.98 0.92 -18.75
C ALA A 180 -11.50 0.49 -20.14
N ALA A 181 -10.84 0.97 -21.21
CA ALA A 181 -11.22 0.55 -22.58
C ALA A 181 -10.51 -0.73 -22.99
N SER A 182 -9.74 -1.29 -22.07
CA SER A 182 -9.21 -2.64 -22.27
C SER A 182 -10.33 -3.64 -22.48
N ASN A 183 -10.01 -4.79 -23.09
CA ASN A 183 -10.97 -5.86 -23.11
C ASN A 183 -11.57 -6.15 -21.73
N LEU A 184 -10.73 -6.27 -20.72
CA LEU A 184 -11.22 -6.55 -19.37
C LEU A 184 -12.15 -5.44 -18.85
N GLY A 185 -11.75 -4.21 -19.10
CA GLY A 185 -12.55 -3.06 -18.72
C GLY A 185 -13.90 -3.01 -19.35
N GLN A 186 -13.99 -3.40 -20.62
CA GLN A 186 -15.27 -3.46 -21.27
C GLN A 186 -16.17 -4.51 -20.60
N LEU A 188 -15.86 -5.47 -17.39
CA LEU A 188 -16.20 -4.98 -16.07
C LEU A 188 -17.35 -4.00 -16.12
N ASN A 189 -17.32 -3.12 -17.11
CA ASN A 189 -18.41 -2.18 -17.27
C ASN A 189 -19.75 -2.91 -17.52
N GLN A 190 -19.75 -3.96 -18.35
CA GLN A 190 -20.98 -4.73 -18.55
C GLN A 190 -21.50 -5.44 -17.26
N ILE A 191 -20.57 -5.99 -16.48
CA ILE A 191 -20.92 -6.61 -15.19
C ILE A 191 -21.61 -5.58 -14.31
N CYS A 192 -20.99 -4.42 -14.17
CA CYS A 192 -21.52 -3.41 -13.30
C CYS A 192 -22.87 -2.85 -13.76
N LEU A 193 -23.04 -2.71 -15.08
CA LEU A 193 -24.33 -2.31 -15.65
C LEU A 193 -25.39 -3.35 -15.33
N LYS A 194 -25.07 -4.62 -15.55
CA LYS A 194 -26.07 -5.67 -15.34
C LYS A 194 -26.38 -5.85 -13.87
N ASP A 195 -25.36 -5.76 -13.02
CA ASP A 195 -25.52 -5.99 -11.60
C ASP A 195 -25.87 -4.74 -10.80
N GLY A 196 -25.89 -3.56 -11.41
CA GLY A 196 -26.23 -2.35 -10.66
C GLY A 196 -25.14 -1.90 -9.67
N ILE A 197 -23.88 -2.06 -10.08
CA ILE A 197 -22.73 -1.58 -9.29
C ILE A 197 -22.23 -0.27 -9.88
N LYS A 198 -22.02 0.71 -9.02
CA LYS A 198 -21.48 1.98 -9.44
C LYS A 198 -20.00 1.85 -9.73
N LEU A 199 -19.60 2.45 -10.82
CA LEU A 199 -18.28 2.20 -11.39
C LEU A 199 -17.75 3.50 -11.97
N VAL A 200 -16.51 3.83 -11.69
CA VAL A 200 -15.86 4.91 -12.36
C VAL A 200 -14.82 4.34 -13.29
N ASN A 201 -14.96 4.60 -14.58
CA ASN A 201 -14.00 4.15 -15.59
C ASN A 201 -13.03 5.27 -15.88
N ILE A 202 -11.75 4.95 -15.88
CA ILE A 202 -10.70 5.89 -16.25
C ILE A 202 -9.99 5.41 -17.47
N VAL A 203 -9.85 6.30 -18.47
CA VAL A 203 -9.17 5.98 -19.73
C VAL A 203 -8.06 7.00 -19.98
N ARG A 204 -7.30 6.83 -21.04
CA ARG A 204 -6.23 7.78 -21.35
C ARG A 204 -6.36 8.57 -22.62
N LYS A 205 -7.42 8.31 -23.38
CA LYS A 205 -7.65 8.95 -24.70
C LYS A 205 -9.17 9.19 -24.71
N GLN A 206 -9.58 10.33 -25.24
CA GLN A 206 -11.02 10.56 -25.38
C GLN A 206 -11.76 9.53 -26.21
N GLU A 207 -11.16 9.04 -27.30
CA GLU A 207 -11.85 8.03 -28.11
C GLU A 207 -12.19 6.77 -27.28
N GLN A 208 -11.40 6.51 -26.25
CA GLN A 208 -11.72 5.40 -25.36
C GLN A 208 -12.92 5.70 -24.48
N ALA A 209 -13.06 6.96 -24.06
CA ALA A 209 -14.25 7.37 -23.36
C ALA A 209 -15.48 7.28 -24.25
N ASP A 210 -15.37 7.68 -25.52
CA ASP A 210 -16.46 7.52 -26.48
C ASP A 210 -16.91 6.04 -26.56
N LEU A 211 -15.92 5.15 -26.69
CA LEU A 211 -16.18 3.71 -26.76
CA LEU A 211 -16.17 3.70 -26.77
C LEU A 211 -16.99 3.24 -25.57
N LEU A 212 -16.52 3.56 -24.36
CA LEU A 212 -17.23 3.08 -23.19
C LEU A 212 -18.63 3.71 -23.02
N LYS A 213 -18.75 4.99 -23.33
CA LYS A 213 -20.06 5.64 -23.26
C LYS A 213 -21.04 4.99 -24.23
N ALA A 214 -20.55 4.59 -25.38
CA ALA A 214 -21.37 3.90 -26.41
C ALA A 214 -21.81 2.53 -25.90
N GLN A 215 -21.01 1.94 -25.00
CA GLN A 215 -21.37 0.70 -24.35
C GLN A 215 -22.19 0.87 -23.07
N GLY A 216 -22.64 2.09 -22.79
CA GLY A 216 -23.48 2.34 -21.65
C GLY A 216 -22.83 2.74 -20.33
N ALA A 217 -21.53 2.94 -20.33
CA ALA A 217 -20.81 3.35 -19.09
C ALA A 217 -21.41 4.65 -18.53
N VAL A 218 -21.67 4.66 -17.25
CA VAL A 218 -22.30 5.82 -16.58
C VAL A 218 -21.21 6.92 -16.37
N HIS A 219 -20.04 6.50 -15.87
CA HIS A 219 -18.97 7.42 -15.51
C HIS A 219 -17.69 7.06 -16.19
N VAL A 220 -17.16 7.98 -16.98
CA VAL A 220 -15.90 7.79 -17.62
C VAL A 220 -15.12 9.07 -17.51
N CYS A 221 -13.91 8.99 -16.98
CA CYS A 221 -12.97 10.10 -16.86
C CYS A 221 -11.74 9.84 -17.67
N ASN A 222 -11.30 10.86 -18.36
CA ASN A 222 -10.14 10.80 -19.23
C ASN A 222 -8.97 11.48 -18.53
N ALA A 223 -7.90 10.70 -18.28
CA ALA A 223 -6.71 11.23 -17.65
C ALA A 223 -6.06 12.38 -18.43
N ALA A 224 -6.27 12.44 -19.75
CA ALA A 224 -5.77 13.54 -20.58
C ALA A 224 -6.60 14.81 -20.42
N SER A 225 -7.77 14.73 -19.77
CA SER A 225 -8.66 15.92 -19.66
C SER A 225 -7.99 17.02 -18.87
N PRO A 226 -8.10 18.28 -19.30
CA PRO A 226 -7.55 19.32 -18.41
C PRO A 226 -8.32 19.49 -17.13
N THR A 227 -9.50 18.92 -17.02
CA THR A 227 -10.22 18.95 -15.74
C THR A 227 -10.35 17.56 -15.08
N PHE A 228 -9.42 16.66 -15.40
CA PHE A 228 -9.46 15.26 -14.91
C PHE A 228 -9.72 15.17 -13.40
N GLN A 230 -10.96 17.32 -11.21
CA GLN A 230 -12.32 17.69 -10.90
C GLN A 230 -13.37 16.67 -11.36
N ASP A 231 -13.22 16.16 -12.58
CA ASP A 231 -14.17 15.18 -13.14
C ASP A 231 -14.16 13.91 -12.25
N LEU A 232 -12.96 13.46 -11.87
CA LEU A 232 -12.79 12.24 -11.10
C LEU A 232 -13.37 12.42 -9.72
N THR A 233 -13.10 13.57 -9.12
CA THR A 233 -13.64 13.85 -7.80
C THR A 233 -15.18 13.85 -7.84
N GLU A 234 -15.77 14.48 -8.87
CA GLU A 234 -17.22 14.47 -9.00
C GLU A 234 -17.76 13.05 -9.16
N ALA A 235 -17.13 12.26 -10.02
CA ALA A 235 -17.51 10.86 -10.21
C ALA A 235 -17.42 10.08 -8.89
N LEU A 236 -16.37 10.35 -8.10
CA LEU A 236 -16.23 9.71 -6.79
C LEU A 236 -17.29 10.15 -5.78
N VAL A 237 -17.68 11.42 -5.80
CA VAL A 237 -18.84 11.84 -5.02
C VAL A 237 -20.09 11.10 -5.44
N SER A 238 -20.33 11.00 -6.75
CA SER A 238 -21.50 10.32 -7.26
CA SER A 238 -21.51 10.32 -7.25
C SER A 238 -21.55 8.85 -6.86
N THR A 239 -20.43 8.14 -7.05
CA THR A 239 -20.41 6.69 -6.88
C THR A 239 -20.14 6.20 -5.45
N GLY A 240 -19.45 7.00 -4.66
CA GLY A 240 -18.99 6.58 -3.36
C GLY A 240 -17.87 5.52 -3.41
N ALA A 241 -17.20 5.39 -4.58
CA ALA A 241 -16.16 4.37 -4.75
C ALA A 241 -14.92 4.64 -3.88
N THR A 242 -14.48 3.58 -3.21
CA THR A 242 -13.31 3.64 -2.32
C THR A 242 -12.29 2.52 -2.56
N ILE A 243 -12.49 1.73 -3.60
CA ILE A 243 -11.49 0.78 -4.09
C ILE A 243 -11.28 0.97 -5.58
N ALA A 244 -10.02 0.90 -6.00
CA ALA A 244 -9.65 1.05 -7.38
C ALA A 244 -8.79 -0.11 -7.80
N PHE A 245 -8.96 -0.51 -9.06
CA PHE A 245 -8.03 -1.40 -9.71
C PHE A 245 -7.34 -0.69 -10.84
N ASP A 246 -6.03 -0.54 -10.69
CA ASP A 246 -5.20 0.20 -11.62
C ASP A 246 -4.34 -0.75 -12.47
N ALA A 247 -4.54 -0.70 -13.78
CA ALA A 247 -3.79 -1.53 -14.71
C ALA A 247 -2.48 -0.88 -15.09
N THR A 248 -2.31 0.41 -14.78
CA THR A 248 -1.14 1.14 -15.22
C THR A 248 0.08 0.87 -14.34
N GLY A 249 -0.13 0.97 -13.04
CA GLY A 249 0.89 0.62 -12.07
C GLY A 249 1.91 1.72 -11.82
N GLY A 250 2.72 1.96 -12.85
CA GLY A 250 3.53 3.14 -12.85
C GLY A 250 2.82 4.45 -12.94
N GLY A 251 3.62 5.51 -12.89
CA GLY A 251 3.11 6.84 -12.98
C GLY A 251 2.26 7.29 -11.79
N LYS A 252 1.32 8.17 -12.09
CA LYS A 252 0.68 8.95 -11.06
C LYS A 252 -0.76 8.60 -10.76
N LEU A 253 -1.36 7.72 -11.55
CA LEU A 253 -2.79 7.52 -11.52
C LEU A 253 -3.28 6.95 -10.16
N GLY A 254 -2.50 6.05 -9.59
CA GLY A 254 -2.91 5.49 -8.29
C GLY A 254 -3.06 6.55 -7.23
N GLY A 255 -2.06 7.44 -7.10
CA GLY A 255 -2.13 8.50 -6.13
C GLY A 255 -3.20 9.53 -6.43
N GLN A 256 -3.35 9.84 -7.73
CA GLN A 256 -4.44 10.71 -8.15
C GLN A 256 -5.79 10.20 -7.67
N ILE A 257 -6.05 8.90 -7.86
CA ILE A 257 -7.30 8.29 -7.42
C ILE A 257 -7.48 8.44 -5.91
N LEU A 258 -6.43 8.11 -5.14
CA LEU A 258 -6.50 8.26 -3.69
C LEU A 258 -6.80 9.71 -3.31
N THR A 259 -6.11 10.64 -3.93
CA THR A 259 -6.31 12.05 -3.64
C THR A 259 -7.78 12.45 -3.87
N CYS A 260 -8.33 12.04 -5.02
CA CYS A 260 -9.71 12.40 -5.35
C CYS A 260 -10.70 11.69 -4.48
N GLU A 262 -10.21 10.96 -1.33
CA GLU A 262 -10.20 11.65 -0.03
C GLU A 262 -10.95 12.99 -0.19
N ALA A 263 -10.78 13.67 -1.34
CA ALA A 263 -11.52 14.93 -1.60
C ALA A 263 -13.02 14.67 -1.56
N ALA A 264 -13.45 13.58 -2.18
CA ALA A 264 -14.86 13.19 -2.23
C ALA A 264 -15.39 12.84 -0.83
N LEU A 265 -14.59 12.07 -0.08
CA LEU A 265 -14.95 11.73 1.30
C LEU A 265 -15.06 12.96 2.19
N ASN A 266 -14.18 13.91 2.02
CA ASN A 266 -14.15 15.04 2.93
C ASN A 266 -15.29 16.02 2.67
N LYS A 267 -16.02 15.86 1.57
CA LYS A 267 -17.17 16.69 1.33
C LYS A 267 -18.22 16.38 2.38
N SER A 268 -18.18 15.19 2.96
CA SER A 268 -19.12 14.81 4.04
C SER A 268 -18.50 14.88 5.44
N ALA A 269 -17.26 15.38 5.54
CA ALA A 269 -16.54 15.49 6.81
C ALA A 269 -17.34 16.30 7.85
N ARG A 270 -17.66 15.65 8.98
CA ARG A 270 -18.41 16.28 10.08
C ARG A 270 -17.50 17.11 11.01
N GLU A 271 -16.29 16.61 11.26
CA GLU A 271 -15.31 17.28 12.13
C GLU A 271 -14.01 17.51 11.36
N TYR A 272 -13.01 18.04 12.04
CA TYR A 272 -11.64 18.12 11.50
CA TYR A 272 -11.66 18.14 11.52
C TYR A 272 -10.86 16.92 11.99
N SER A 273 -10.40 16.09 11.05
CA SER A 273 -9.55 14.98 11.41
C SER A 273 -8.12 15.42 11.09
N ARG A 274 -7.31 15.45 12.12
CA ARG A 274 -5.87 15.59 11.99
C ARG A 274 -5.30 14.71 10.84
N TYR A 275 -5.83 13.50 10.68
CA TYR A 275 -5.32 12.50 9.71
C TYR A 275 -6.28 12.17 8.54
N GLY A 276 -7.20 13.10 8.29
CA GLY A 276 -8.18 12.93 7.22
C GLY A 276 -9.29 11.93 7.57
N SER A 277 -9.99 11.48 6.52
CA SER A 277 -11.17 10.63 6.68
C SER A 277 -10.70 9.35 7.28
N THR A 278 -11.56 8.71 8.06
CA THR A 278 -11.23 7.37 8.56
C THR A 278 -11.62 6.26 7.61
N THR A 279 -12.30 6.58 6.51
CA THR A 279 -12.74 5.58 5.55
C THR A 279 -11.56 5.08 4.71
N HIS A 280 -11.34 3.79 4.77
CA HIS A 280 -10.20 3.19 4.06
C HIS A 280 -10.39 3.20 2.56
N LYS A 281 -9.38 3.72 1.87
CA LYS A 281 -9.29 3.80 0.43
C LYS A 281 -8.20 2.84 -0.05
N GLN A 282 -8.52 2.03 -1.03
CA GLN A 282 -7.60 0.98 -1.48
C GLN A 282 -7.36 1.05 -2.99
N VAL A 283 -6.11 1.00 -3.42
CA VAL A 283 -5.77 0.88 -4.87
C VAL A 283 -4.98 -0.38 -5.07
N TYR A 284 -5.47 -1.29 -5.89
CA TYR A 284 -4.72 -2.47 -6.29
C TYR A 284 -4.07 -2.21 -7.65
N LEU A 285 -2.74 -2.39 -7.72
CA LEU A 285 -2.03 -2.29 -8.97
C LEU A 285 -2.05 -3.72 -9.53
N TYR A 286 -2.97 -4.01 -10.43
CA TYR A 286 -3.13 -5.37 -10.96
C TYR A 286 -2.49 -5.51 -12.34
N GLY A 287 -1.99 -4.41 -12.88
CA GLY A 287 -1.21 -4.45 -14.11
C GLY A 287 -0.04 -3.52 -14.03
N GLY A 288 0.80 -3.60 -15.03
CA GLY A 288 1.93 -2.72 -15.12
C GLY A 288 2.14 -2.18 -16.50
N LEU A 289 1.04 -1.73 -17.13
CA LEU A 289 1.10 -1.21 -18.47
C LEU A 289 2.07 -0.06 -18.56
N ASP A 290 2.14 0.78 -17.52
CA ASP A 290 3.03 1.92 -17.43
C ASP A 290 4.26 1.49 -16.66
N THR A 291 5.38 1.37 -17.35
CA THR A 291 6.58 0.82 -16.73
C THR A 291 7.43 1.85 -15.98
N SER A 292 7.03 3.09 -15.93
CA SER A 292 7.76 4.10 -15.16
C SER A 292 7.57 3.90 -13.62
N PRO A 293 8.43 4.56 -12.83
CA PRO A 293 8.21 4.54 -11.35
C PRO A 293 6.82 5.03 -10.97
N THR A 294 6.31 4.40 -9.93
CA THR A 294 5.08 4.84 -9.28
C THR A 294 5.45 6.06 -8.45
N GLU A 295 4.65 7.12 -8.54
CA GLU A 295 4.90 8.36 -7.84
CA GLU A 295 4.91 8.36 -7.83
C GLU A 295 3.62 8.98 -7.33
N PHE A 296 3.60 9.40 -6.06
CA PHE A 296 2.45 10.10 -5.53
C PHE A 296 2.78 10.98 -4.33
N ASN A 297 2.06 12.09 -4.20
CA ASN A 297 2.03 12.89 -2.98
C ASN A 297 1.00 12.32 -2.03
N ARG A 298 1.25 12.37 -0.75
CA ARG A 298 0.37 11.69 0.17
C ARG A 298 -0.63 12.67 0.77
N ASN A 299 -1.49 13.25 -0.03
CA ASN A 299 -2.40 14.27 0.46
CA ASN A 299 -2.41 14.25 0.49
C ASN A 299 -3.80 13.69 0.65
N PHE A 300 -3.86 12.47 1.19
CA PHE A 300 -5.10 11.77 1.32
C PHE A 300 -5.25 11.09 2.69
N GLY A 301 -4.54 11.58 3.69
CA GLY A 301 -4.69 11.07 5.03
C GLY A 301 -3.99 9.74 5.22
N ALA A 303 -5.72 6.67 6.02
CA ALA A 303 -6.57 5.48 5.84
C ALA A 303 -6.58 5.05 4.38
N TRP A 304 -5.45 4.46 3.96
CA TRP A 304 -5.24 4.08 2.60
C TRP A 304 -4.32 2.90 2.50
N GLY A 305 -4.47 2.19 1.41
CA GLY A 305 -3.54 1.12 1.07
C GLY A 305 -3.39 1.05 -0.43
N GLY A 307 -1.50 -1.89 -3.25
CA GLY A 307 -0.70 -3.12 -3.34
C GLY A 307 -0.95 -3.91 -4.60
N GLY A 308 -0.23 -5.04 -4.77
CA GLY A 308 -0.45 -5.90 -5.92
C GLY A 308 -1.70 -6.74 -5.80
N TRP A 309 -2.23 -7.23 -6.92
CA TRP A 309 -3.39 -8.11 -6.96
C TRP A 309 -3.21 -9.08 -8.12
N LEU A 310 -3.32 -10.36 -7.82
CA LEU A 310 -3.23 -11.42 -8.82
C LEU A 310 -4.40 -12.39 -8.81
N LEU A 311 -4.81 -12.85 -9.99
CA LEU A 311 -6.00 -13.68 -10.11
C LEU A 311 -5.88 -14.99 -9.33
N PHE A 312 -4.76 -15.67 -9.46
CA PHE A 312 -4.67 -17.05 -8.89
C PHE A 312 -4.69 -17.06 -7.37
N PRO A 313 -3.87 -16.22 -6.73
CA PRO A 313 -4.02 -16.06 -5.27
C PRO A 313 -5.44 -15.70 -4.86
N PHE A 314 -6.15 -14.88 -5.66
CA PHE A 314 -7.52 -14.54 -5.35
C PHE A 314 -8.50 -15.73 -5.42
N LEU A 315 -8.43 -16.53 -6.48
CA LEU A 315 -9.30 -17.70 -6.62
C LEU A 315 -9.04 -18.70 -5.45
N GLN A 316 -7.80 -18.80 -5.05
CA GLN A 316 -7.37 -19.67 -3.95
C GLN A 316 -7.98 -19.12 -2.65
N LYS A 317 -8.02 -17.79 -2.51
CA LYS A 317 -8.59 -17.18 -1.32
C LYS A 317 -10.08 -17.40 -1.21
N ILE A 318 -10.83 -17.29 -2.31
CA ILE A 318 -12.29 -17.44 -2.24
C ILE A 318 -12.78 -18.90 -2.14
N GLY A 319 -11.92 -19.83 -2.53
CA GLY A 319 -12.26 -21.26 -2.58
C GLY A 319 -12.89 -21.76 -3.86
N ARG A 320 -12.89 -23.10 -4.02
CA ARG A 320 -13.21 -23.74 -5.27
C ARG A 320 -14.67 -23.61 -5.56
N GLU A 321 -15.48 -23.69 -4.51
CA GLU A 321 -16.93 -23.60 -4.69
C GLU A 321 -17.30 -22.21 -5.26
N ARG A 322 -16.77 -21.17 -4.65
CA ARG A 322 -17.12 -19.80 -5.05
C ARG A 322 -16.47 -19.51 -6.43
N ALA A 323 -15.23 -19.95 -6.60
CA ALA A 323 -14.57 -19.94 -7.92
C ALA A 323 -15.40 -20.64 -8.98
N ASN A 324 -15.98 -21.79 -8.67
CA ASN A 324 -16.85 -22.49 -9.62
CA ASN A 324 -16.84 -22.48 -9.63
C ASN A 324 -18.11 -21.68 -9.94
N ALA A 325 -18.68 -21.00 -8.95
CA ALA A 325 -19.84 -20.14 -9.19
C ALA A 325 -19.51 -18.97 -10.12
N LEU A 326 -18.33 -18.40 -9.97
CA LEU A 326 -17.89 -17.33 -10.89
C LEU A 326 -17.71 -17.91 -12.30
N LYS A 327 -17.07 -19.05 -12.39
CA LYS A 327 -16.91 -19.71 -13.71
C LYS A 327 -18.25 -20.05 -14.38
N GLN A 328 -19.22 -20.49 -13.60
CA GLN A 328 -20.55 -20.75 -14.13
C GLN A 328 -21.22 -19.49 -14.69
N ARG A 329 -21.04 -18.36 -14.02
CA ARG A 329 -21.56 -17.12 -14.58
C ARG A 329 -20.86 -16.73 -15.90
N VAL A 330 -19.55 -16.95 -15.97
CA VAL A 330 -18.81 -16.66 -17.19
C VAL A 330 -19.42 -17.50 -18.36
N VAL A 331 -19.65 -18.79 -18.12
CA VAL A 331 -20.24 -19.66 -19.15
C VAL A 331 -21.61 -19.15 -19.58
N ALA A 332 -22.42 -18.74 -18.59
CA ALA A 332 -23.77 -18.29 -18.84
C ALA A 332 -23.83 -17.00 -19.67
N GLU A 333 -22.80 -16.17 -19.59
CA GLU A 333 -22.82 -14.85 -20.24
C GLU A 333 -21.61 -14.71 -21.13
N LEU A 334 -21.21 -15.86 -21.69
CA LEU A 334 -19.96 -15.94 -22.41
C LEU A 334 -19.93 -15.02 -23.60
N LYS A 335 -21.04 -14.91 -24.32
CA LYS A 335 -21.08 -14.12 -25.54
C LYS A 335 -21.71 -12.74 -25.34
N THR A 336 -22.12 -12.43 -24.11
CA THR A 336 -22.70 -11.14 -23.81
C THR A 336 -21.76 -10.39 -22.88
N THR A 337 -21.95 -10.52 -21.57
CA THR A 337 -21.11 -9.79 -20.61
C THR A 337 -19.60 -10.03 -20.81
N PHE A 338 -19.25 -11.26 -21.15
CA PHE A 338 -17.85 -11.65 -21.19
C PHE A 338 -17.30 -11.78 -22.60
N ALA A 339 -17.98 -11.17 -23.58
CA ALA A 339 -17.47 -11.16 -24.95
C ALA A 339 -16.08 -10.50 -25.03
N SER A 340 -15.19 -11.07 -25.85
CA SER A 340 -13.88 -10.48 -26.17
C SER A 340 -13.72 -10.21 -27.66
N HIS A 341 -13.19 -9.03 -27.98
CA HIS A 341 -12.87 -8.68 -29.36
C HIS A 341 -11.39 -8.93 -29.66
N TYR A 342 -11.10 -9.54 -30.82
CA TYR A 342 -9.72 -9.65 -31.29
C TYR A 342 -9.63 -8.94 -32.63
N SER A 343 -8.52 -8.29 -32.90
CA SER A 343 -8.35 -7.62 -34.19
C SER A 343 -7.83 -8.55 -35.26
N LYS A 344 -7.23 -9.69 -34.89
CA LYS A 344 -6.67 -10.60 -35.88
C LYS A 344 -6.53 -12.00 -35.25
N GLU A 345 -6.76 -13.05 -36.04
CA GLU A 345 -6.42 -14.41 -35.65
C GLU A 345 -5.23 -14.87 -36.45
N ILE A 346 -4.18 -15.33 -35.76
CA ILE A 346 -2.93 -15.68 -36.42
C ILE A 346 -2.49 -17.10 -36.12
N SER A 347 -1.68 -17.67 -37.01
CA SER A 347 -1.06 -18.96 -36.78
C SER A 347 0.05 -18.90 -35.75
N LEU A 348 0.50 -20.08 -35.36
CA LEU A 348 1.66 -20.18 -34.46
C LEU A 348 2.93 -19.55 -35.03
N ALA A 349 3.23 -19.81 -36.29
CA ALA A 349 4.38 -19.20 -36.96
C ALA A 349 4.29 -17.67 -37.02
N GLU A 350 3.07 -17.15 -37.19
CA GLU A 350 2.87 -15.71 -37.24
C GLU A 350 3.08 -14.96 -35.91
N VAL A 351 3.02 -15.67 -34.77
CA VAL A 351 3.36 -15.10 -33.50
C VAL A 351 4.80 -14.58 -33.55
N LEU A 352 5.63 -15.24 -34.31
CA LEU A 352 7.05 -14.90 -34.36
C LEU A 352 7.40 -14.03 -35.56
N ASP A 353 6.42 -13.49 -36.26
CA ASP A 353 6.67 -12.50 -37.32
C ASP A 353 6.87 -11.15 -36.68
N LEU A 354 7.98 -10.48 -36.95
CA LEU A 354 8.28 -9.20 -36.28
C LEU A 354 7.24 -8.13 -36.63
N ASP A 355 6.64 -8.25 -37.81
CA ASP A 355 5.56 -7.35 -38.24
C ASP A 355 4.31 -7.52 -37.39
N ILE A 357 4.41 -8.90 -34.26
CA ILE A 357 4.88 -8.50 -32.93
C ILE A 357 4.72 -6.99 -32.72
N ALA A 358 5.17 -6.24 -33.72
CA ALA A 358 5.05 -4.77 -33.66
C ALA A 358 3.65 -4.26 -33.34
N VAL A 359 2.60 -4.97 -33.78
CA VAL A 359 1.23 -4.58 -33.42
C VAL A 359 0.77 -5.14 -32.09
N TYR A 360 0.86 -6.45 -31.89
CA TYR A 360 0.25 -7.01 -30.74
C TYR A 360 0.96 -6.61 -29.43
N ASN A 361 2.24 -6.35 -29.53
CA ASN A 361 3.01 -5.96 -28.38
C ASN A 361 2.73 -4.50 -27.90
N LYS A 362 1.86 -3.75 -28.60
CA LYS A 362 1.50 -2.40 -28.12
C LYS A 362 0.51 -2.46 -26.97
N ARG A 363 -0.19 -3.59 -26.80
CA ARG A 363 -1.33 -3.67 -25.85
C ARG A 363 -2.27 -2.44 -26.04
N ALA A 364 -2.53 -2.16 -27.31
CA ALA A 364 -3.39 -1.04 -27.73
C ALA A 364 -4.86 -1.47 -27.69
N THR A 365 -5.75 -0.54 -27.34
CA THR A 365 -7.20 -0.77 -27.34
C THR A 365 -7.73 -1.39 -28.61
N GLY A 366 -8.50 -2.48 -28.47
CA GLY A 366 -9.10 -3.15 -29.63
C GLY A 366 -8.13 -3.80 -30.60
N GLU A 367 -6.91 -4.08 -30.11
CA GLU A 367 -5.89 -4.70 -30.92
C GLU A 367 -5.31 -5.90 -30.20
N LYS A 368 -6.17 -6.72 -29.61
CA LYS A 368 -5.79 -8.01 -29.08
C LYS A 368 -5.78 -9.09 -30.19
N TYR A 369 -4.71 -9.87 -30.23
CA TYR A 369 -4.55 -10.91 -31.23
C TYR A 369 -4.93 -12.26 -30.62
N LEU A 370 -5.55 -13.13 -31.44
CA LEU A 370 -5.93 -14.51 -31.05
C LEU A 370 -5.05 -15.44 -31.85
N ILE A 371 -4.44 -16.41 -31.19
CA ILE A 371 -3.66 -17.42 -31.88
C ILE A 371 -4.51 -18.65 -32.09
N ASN A 372 -4.46 -19.19 -33.29
CA ASN A 372 -4.96 -20.53 -33.51
C ASN A 372 -3.77 -21.42 -33.81
N PRO A 373 -3.32 -22.21 -32.83
CA PRO A 373 -2.08 -23.00 -33.02
C PRO A 373 -2.13 -23.95 -34.16
N ASN A 374 -3.32 -24.38 -34.52
CA ASN A 374 -3.45 -25.30 -35.61
C ASN A 374 -3.76 -24.67 -36.99
N LYS A 375 -3.84 -23.34 -37.03
CA LYS A 375 -4.08 -22.64 -38.30
C LYS A 375 -3.00 -22.99 -39.32
N GLY A 376 -3.41 -23.40 -40.51
CA GLY A 376 -2.44 -23.68 -41.58
C GLY A 376 -1.75 -25.03 -41.46
N LEU A 377 -2.06 -25.78 -40.40
CA LEU A 377 -1.35 -27.01 -40.08
C LEU A 377 -2.30 -28.22 -40.19
N ALA A 378 -1.69 -29.38 -40.44
CA ALA A 378 -2.40 -30.65 -40.58
C ALA A 378 -2.66 -31.29 -39.22
N HIS B 3 -10.78 30.43 38.68
CA HIS B 3 -9.41 30.79 38.27
C HIS B 3 -9.29 30.55 36.77
N SER B 4 -8.31 31.18 36.19
CA SER B 4 -7.95 30.93 34.81
C SER B 4 -6.47 30.57 34.76
N ALA B 5 -6.07 29.96 33.68
CA ALA B 5 -4.67 29.65 33.49
C ALA B 5 -4.42 29.54 32.00
N LEU B 6 -3.17 29.28 31.62
CA LEU B 6 -2.80 29.39 30.22
C LEU B 6 -2.81 28.06 29.49
N GLN B 7 -3.04 28.17 28.19
CA GLN B 7 -3.01 27.04 27.27
CA GLN B 7 -3.05 27.04 27.28
C GLN B 7 -2.61 27.56 25.92
N LEU B 8 -1.76 26.81 25.24
CA LEU B 8 -1.33 27.20 23.92
C LEU B 8 -2.49 26.99 22.93
N ARG B 9 -2.59 27.87 21.96
CA ARG B 9 -3.53 27.73 20.86
CA ARG B 9 -3.54 27.74 20.87
C ARG B 9 -2.86 28.00 19.55
N SER B 10 -3.29 27.28 18.53
CA SER B 10 -2.77 27.44 17.18
C SER B 10 -3.96 27.74 16.28
N ARG B 11 -3.96 28.91 15.66
CA ARG B 11 -5.07 29.37 14.82
CA ARG B 11 -5.07 29.30 14.81
CA ARG B 11 -5.07 29.37 14.82
C ARG B 11 -4.57 29.61 13.42
N ILE B 12 -5.05 28.83 12.46
CA ILE B 12 -4.81 29.12 11.05
C ILE B 12 -6.06 29.83 10.55
N LYS B 13 -5.88 31.07 10.10
CA LYS B 13 -6.97 31.92 9.67
C LYS B 13 -7.19 31.82 8.17
N SER B 14 -8.42 32.12 7.76
CA SER B 14 -8.77 32.11 6.35
C SER B 14 -7.92 33.12 5.58
N SER B 15 -7.39 34.13 6.28
CA SER B 15 -6.44 35.12 5.75
C SER B 15 -5.09 34.49 5.29
N GLY B 16 -4.82 33.25 5.70
CA GLY B 16 -3.57 32.55 5.41
C GLY B 16 -2.53 32.70 6.51
N GLU B 17 -2.88 33.35 7.60
CA GLU B 17 -1.96 33.59 8.70
C GLU B 17 -2.12 32.49 9.77
N LEU B 18 -0.99 32.02 10.29
CA LEU B 18 -0.95 31.24 11.52
C LEU B 18 -0.69 32.21 12.66
N GLU B 19 -1.46 32.10 13.73
CA GLU B 19 -1.14 32.77 14.95
C GLU B 19 -1.08 31.75 16.07
N LEU B 20 0.06 31.73 16.71
CA LEU B 20 0.29 30.88 17.89
C LEU B 20 0.35 31.81 19.09
N SER B 21 -0.36 31.44 20.14
CA SER B 21 -0.45 32.27 21.32
C SER B 21 -0.68 31.44 22.55
N LEU B 22 -0.45 32.04 23.71
CA LEU B 22 -0.91 31.48 24.99
C LEU B 22 -2.19 32.13 25.43
N ASP B 23 -3.29 31.41 25.42
CA ASP B 23 -4.59 31.99 25.75
C ASP B 23 -4.83 31.79 27.24
N SER B 24 -5.55 32.75 27.81
CA SER B 24 -6.08 32.62 29.17
C SER B 24 -7.40 31.90 29.10
N ILE B 25 -7.49 30.76 29.77
CA ILE B 25 -8.61 29.85 29.69
C ILE B 25 -9.10 29.63 31.11
N ASP B 26 -10.40 29.75 31.32
CA ASP B 26 -10.97 29.43 32.62
C ASP B 26 -10.73 27.94 32.95
N THR B 27 -10.44 27.68 34.20
CA THR B 27 -10.08 26.33 34.59
C THR B 27 -11.35 25.65 35.08
N PRO B 28 -11.83 24.59 34.40
CA PRO B 28 -13.08 23.99 34.92
C PRO B 28 -12.88 23.31 36.28
N HIS B 29 -13.96 23.19 37.05
CA HIS B 29 -14.00 22.23 38.16
C HIS B 29 -14.50 20.94 37.61
N PRO B 30 -13.88 19.82 38.01
CA PRO B 30 -14.26 18.57 37.40
C PRO B 30 -15.66 18.13 37.83
N GLY B 31 -16.41 17.65 36.84
CA GLY B 31 -17.66 16.92 37.09
C GLY B 31 -17.40 15.58 37.72
N PRO B 32 -18.46 14.88 38.14
CA PRO B 32 -18.34 13.63 38.86
C PRO B 32 -17.31 12.64 38.34
N ASP B 33 -17.22 12.49 37.02
CA ASP B 33 -16.34 11.51 36.41
C ASP B 33 -15.01 12.07 35.91
N GLU B 34 -14.68 13.28 36.33
CA GLU B 34 -13.47 13.95 35.88
C GLU B 34 -12.46 14.23 36.99
N VAL B 35 -11.24 14.49 36.55
CA VAL B 35 -10.20 15.00 37.42
C VAL B 35 -9.60 16.21 36.73
N LEU B 36 -9.00 17.08 37.54
CA LEU B 36 -8.21 18.20 37.09
C LEU B 36 -6.73 17.89 37.35
N ILE B 37 -5.94 17.95 36.27
CA ILE B 37 -4.52 17.60 36.31
C ILE B 37 -3.71 18.86 36.09
N ARG B 38 -2.76 19.12 36.99
CA ARG B 38 -1.75 20.14 36.78
C ARG B 38 -0.64 19.49 35.96
N ILE B 39 -0.57 19.88 34.70
CA ILE B 39 0.33 19.21 33.76
CA ILE B 39 0.33 19.21 33.76
C ILE B 39 1.76 19.71 33.97
N GLU B 40 2.66 18.78 34.18
CA GLU B 40 4.06 19.17 34.42
C GLU B 40 5.06 18.67 33.35
N ALA B 41 4.58 17.88 32.38
CA ALA B 41 5.42 17.27 31.36
C ALA B 41 4.59 16.81 30.16
N SER B 42 4.96 17.25 28.98
CA SER B 42 4.25 16.90 27.76
C SER B 42 5.25 17.00 26.62
N PRO B 43 5.43 15.94 25.86
CA PRO B 43 6.44 15.96 24.82
C PRO B 43 6.00 16.73 23.58
N LEU B 44 6.97 17.28 22.84
CA LEU B 44 6.74 17.84 21.48
C LEU B 44 7.09 16.75 20.47
N ASN B 45 6.11 15.95 20.09
CA ASN B 45 6.29 14.89 19.12
C ASN B 45 5.97 15.45 17.73
N PRO B 46 6.44 14.78 16.68
CA PRO B 46 6.08 15.21 15.29
C PRO B 46 4.61 15.41 15.03
N SER B 47 3.72 14.59 15.59
CA SER B 47 2.31 14.77 15.39
C SER B 47 1.83 16.09 16.01
N ASP B 48 2.41 16.46 17.15
CA ASP B 48 2.09 17.73 17.77
C ASP B 48 2.59 18.90 16.94
N LEU B 49 3.79 18.77 16.36
CA LEU B 49 4.39 19.84 15.54
C LEU B 49 3.51 20.07 14.32
N GLY B 50 2.96 19.00 13.77
CA GLY B 50 2.06 19.07 12.66
C GLY B 50 0.88 19.98 12.99
N LEU B 51 0.28 19.78 14.15
CA LEU B 51 -0.85 20.61 14.55
C LEU B 51 -0.42 22.00 14.97
N LEU B 52 0.70 22.11 15.68
CA LEU B 52 1.17 23.38 16.14
C LEU B 52 1.39 24.39 15.01
N PHE B 53 2.11 23.99 13.98
CA PHE B 53 2.49 24.92 12.91
C PHE B 53 1.63 24.74 11.65
N GLY B 54 0.85 23.65 11.60
CA GLY B 54 0.13 23.31 10.37
C GLY B 54 1.09 23.41 9.19
N ALA B 55 0.60 23.97 8.09
CA ALA B 55 1.43 24.15 6.90
C ALA B 55 2.08 25.55 6.81
N ALA B 56 2.19 26.27 7.93
CA ALA B 56 2.90 27.55 7.90
C ALA B 56 4.35 27.41 7.44
N ASP B 57 4.79 28.39 6.67
CA ASP B 57 6.19 28.55 6.35
C ASP B 57 6.91 29.22 7.49
N SER B 59 9.90 30.03 8.07
CA SER B 59 10.86 31.06 7.71
C SER B 59 10.22 32.46 7.73
N THR B 60 8.88 32.50 7.65
CA THR B 60 8.14 33.78 7.71
C THR B 60 7.76 34.19 9.15
N ALA B 61 8.13 33.41 10.16
CA ALA B 61 7.65 33.66 11.52
C ALA B 61 8.19 34.95 12.08
N LYS B 62 7.35 35.63 12.84
CA LYS B 62 7.66 36.83 13.56
C LYS B 62 7.09 36.72 14.97
N ALA B 63 7.84 37.26 15.93
CA ALA B 63 7.44 37.25 17.33
C ALA B 63 6.80 38.59 17.65
N SER B 64 5.71 38.56 18.39
CA SER B 64 5.17 39.75 19.01
C SER B 64 4.71 39.32 20.41
N GLY B 65 3.84 40.10 21.03
CA GLY B 65 3.47 39.81 22.39
C GLY B 65 4.58 40.19 23.32
N THR B 66 4.51 39.68 24.53
CA THR B 66 5.44 40.00 25.59
C THR B 66 6.17 38.72 25.89
N ALA B 67 7.25 38.82 26.67
CA ALA B 67 8.00 37.65 27.05
C ALA B 67 7.13 36.61 27.77
N GLU B 68 6.23 37.06 28.65
CA GLU B 68 5.34 36.15 29.35
C GLU B 68 4.15 35.67 28.51
N ARG B 69 3.74 36.46 27.52
CA ARG B 69 2.57 36.16 26.70
CA ARG B 69 2.58 36.17 26.69
C ARG B 69 2.99 36.36 25.24
N PRO B 70 3.85 35.46 24.75
CA PRO B 70 4.34 35.60 23.39
C PRO B 70 3.28 35.26 22.35
N ILE B 71 3.49 35.79 21.16
CA ILE B 71 2.69 35.52 19.98
C ILE B 71 3.66 35.26 18.85
N VAL B 72 3.39 34.23 18.08
CA VAL B 72 4.12 33.97 16.85
C VAL B 72 3.13 33.96 15.71
N THR B 73 3.45 34.68 14.65
CA THR B 73 2.62 34.67 13.46
C THR B 73 3.54 34.26 12.31
N ALA B 74 2.96 33.58 11.35
CA ALA B 74 3.64 33.14 10.17
C ALA B 74 2.61 33.01 9.07
N ARG B 75 3.06 32.85 7.83
CA ARG B 75 2.18 32.77 6.68
C ARG B 75 2.16 31.39 6.10
N VAL B 76 0.96 30.90 5.80
CA VAL B 76 0.78 29.62 5.11
C VAL B 76 0.82 29.84 3.60
N PRO B 77 1.67 29.09 2.87
CA PRO B 77 1.71 29.34 1.43
C PRO B 77 0.38 29.03 0.75
N GLU B 78 0.10 29.75 -0.32
CA GLU B 78 -1.15 29.61 -1.03
C GLU B 78 -1.44 28.16 -1.38
N GLY B 79 -0.42 27.46 -1.88
CA GLY B 79 -0.54 26.05 -2.23
C GLY B 79 -0.92 25.10 -1.10
N ALA B 80 -0.67 25.51 0.14
CA ALA B 80 -0.93 24.66 1.31
C ALA B 80 -2.33 24.89 1.93
N ARG B 82 -5.42 24.57 0.97
CA ARG B 82 -6.49 23.55 0.86
C ARG B 82 -6.31 22.45 1.90
N SER B 83 -5.06 22.12 2.21
CA SER B 83 -4.78 21.11 3.22
C SER B 83 -5.24 21.59 4.62
N ALA B 85 -8.06 23.35 5.16
CA ALA B 85 -9.47 23.74 5.09
C ALA B 85 -10.26 23.38 6.34
N GLY B 86 -10.03 22.19 6.87
CA GLY B 86 -10.84 21.69 7.99
C GLY B 86 -10.62 22.35 9.35
N ARG B 87 -9.53 23.12 9.48
CA ARG B 87 -9.23 23.87 10.69
C ARG B 87 -9.21 25.38 10.50
N LEU B 88 -9.61 25.87 9.32
CA LEU B 88 -9.62 27.31 9.10
C LEU B 88 -10.52 28.00 10.13
N ASP B 89 -9.94 29.05 10.73
CA ASP B 89 -10.56 29.92 11.70
C ASP B 89 -10.90 29.23 13.03
N ALA B 90 -10.30 28.07 13.28
CA ALA B 90 -10.47 27.34 14.54
C ALA B 90 -9.28 27.59 15.47
N SER B 91 -9.56 27.86 16.71
CA SER B 91 -8.50 28.00 17.71
C SER B 91 -8.18 26.61 18.26
N PRO B 93 -6.38 23.81 20.42
CA PRO B 93 -5.44 23.38 21.45
C PRO B 93 -4.46 22.34 20.92
N VAL B 94 -3.31 22.17 21.56
CA VAL B 94 -2.25 21.32 21.03
C VAL B 94 -1.70 20.47 22.13
N GLY B 95 -1.21 19.29 21.76
CA GLY B 95 -0.49 18.42 22.63
C GLY B 95 -1.30 17.15 22.93
N ASN B 96 -0.89 16.03 22.32
CA ASN B 96 -1.64 14.76 22.47
C ASN B 96 -1.64 14.20 23.87
N GLU B 97 -0.46 14.19 24.49
CA GLU B 97 -0.27 13.45 25.72
C GLU B 97 0.58 14.21 26.74
N GLY B 98 0.43 13.84 27.98
CA GLY B 98 1.29 14.40 29.01
C GLY B 98 1.03 13.80 30.35
N ALA B 99 1.69 14.35 31.35
CA ALA B 99 1.59 13.82 32.70
C ALA B 99 1.65 14.96 33.70
N GLY B 100 1.10 14.69 34.84
CA GLY B 100 1.07 15.63 35.92
C GLY B 100 0.41 15.08 37.17
N VAL B 101 -0.03 15.98 38.03
CA VAL B 101 -0.59 15.63 39.33
C VAL B 101 -2.05 16.03 39.37
N VAL B 102 -2.88 15.10 39.85
CA VAL B 102 -4.29 15.38 39.99
C VAL B 102 -4.46 16.27 41.22
N VAL B 103 -5.02 17.45 41.02
CA VAL B 103 -5.19 18.45 42.06
C VAL B 103 -6.65 18.64 42.48
N GLU B 104 -7.57 18.20 41.64
CA GLU B 104 -9.00 18.17 42.01
C GLU B 104 -9.63 16.95 41.41
N ALA B 105 -10.60 16.36 42.11
CA ALA B 105 -11.26 15.15 41.63
C ALA B 105 -12.76 15.32 41.82
N GLY B 106 -13.52 14.86 40.83
CA GLY B 106 -14.96 14.89 40.93
C GLY B 106 -15.40 13.83 41.95
N SER B 107 -16.68 13.85 42.26
CA SER B 107 -17.24 13.06 43.36
C SER B 107 -17.21 11.54 43.19
N SER B 108 -17.13 11.05 41.96
CA SER B 108 -17.24 9.60 41.70
C SER B 108 -16.08 8.83 42.33
N PRO B 109 -16.29 7.55 42.69
CA PRO B 109 -15.16 6.84 43.29
C PRO B 109 -13.94 6.69 42.39
N ALA B 110 -14.14 6.51 41.07
CA ALA B 110 -13.06 6.48 40.11
C ALA B 110 -12.21 7.73 40.15
N ALA B 111 -12.88 8.87 40.14
CA ALA B 111 -12.16 10.16 40.16
C ALA B 111 -11.49 10.38 41.53
N GLN B 112 -12.23 10.10 42.60
CA GLN B 112 -11.66 10.26 43.93
C GLN B 112 -10.41 9.39 44.13
N ALA B 113 -10.36 8.22 43.51
CA ALA B 113 -9.21 7.32 43.67
C ALA B 113 -7.93 7.88 43.05
N LEU B 114 -8.06 8.85 42.16
CA LEU B 114 -6.89 9.48 41.52
C LEU B 114 -6.39 10.73 42.25
N GLY B 116 -4.57 13.40 44.00
CA GLY B 116 -3.17 13.49 44.40
C GLY B 116 -2.21 12.59 43.68
N LYS B 117 -2.68 11.73 42.78
CA LYS B 117 -1.78 10.84 42.09
C LYS B 117 -1.10 11.54 40.92
N THR B 118 0.03 10.97 40.55
CA THR B 118 0.75 11.33 39.34
C THR B 118 0.28 10.43 38.22
N VAL B 119 -0.21 11.05 37.14
CA VAL B 119 -0.86 10.33 36.08
C VAL B 119 -0.41 10.80 34.73
N ALA B 120 -0.60 9.96 33.72
CA ALA B 120 -0.40 10.32 32.31
C ALA B 120 -1.77 10.23 31.63
N ALA B 121 -1.97 11.01 30.58
CA ALA B 121 -3.22 10.96 29.78
C ALA B 121 -2.93 11.34 28.37
N ILE B 122 -3.68 10.79 27.40
CA ILE B 122 -3.57 11.20 26.01
C ILE B 122 -4.87 11.92 25.65
N GLY B 123 -5.16 12.95 26.39
CA GLY B 123 -6.42 13.68 26.23
C GLY B 123 -6.45 14.76 25.18
N GLY B 124 -5.35 15.03 24.47
CA GLY B 124 -5.27 16.25 23.69
C GLY B 124 -5.28 17.48 24.59
N ALA B 125 -4.98 18.64 23.96
CA ALA B 125 -4.83 19.92 24.65
C ALA B 125 -3.92 19.83 25.86
N TYR B 127 -0.87 20.93 26.14
CA TYR B 127 0.06 22.03 26.31
C TYR B 127 -0.73 23.14 26.99
N SER B 128 -0.97 22.87 28.28
CA SER B 128 -1.91 23.60 29.08
C SER B 128 -1.46 23.47 30.53
N GLN B 129 -1.67 24.50 31.33
CA GLN B 129 -1.30 24.38 32.73
C GLN B 129 -2.18 23.35 33.47
N TYR B 130 -3.47 23.33 33.14
CA TYR B 130 -4.45 22.46 33.81
C TYR B 130 -5.37 21.88 32.81
N ARG B 131 -5.67 20.57 32.93
CA ARG B 131 -6.62 19.92 32.06
C ARG B 131 -7.63 19.14 32.87
N CYS B 132 -8.88 19.34 32.54
CA CYS B 132 -9.98 18.61 33.13
C CYS B 132 -10.34 17.46 32.19
N ILE B 133 -10.09 16.24 32.66
CA ILE B 133 -10.11 15.03 31.84
CA ILE B 133 -10.28 15.09 31.80
C ILE B 133 -10.96 13.97 32.58
N PRO B 134 -11.62 13.07 31.84
CA PRO B 134 -12.26 11.93 32.50
C PRO B 134 -11.25 11.08 33.23
N ALA B 135 -11.62 10.60 34.42
CA ALA B 135 -10.79 9.72 35.21
C ALA B 135 -10.39 8.48 34.43
N ASP B 136 -11.28 7.99 33.56
CA ASP B 136 -10.98 6.77 32.79
C ASP B 136 -9.96 6.98 31.64
N GLN B 137 -9.56 8.21 31.37
CA GLN B 137 -8.49 8.47 30.42
C GLN B 137 -7.12 8.62 31.08
N CYS B 138 -7.03 8.36 32.39
CA CYS B 138 -5.78 8.54 33.13
C CYS B 138 -5.12 7.22 33.43
N LEU B 139 -3.81 7.20 33.23
CA LEU B 139 -2.92 6.08 33.55
C LEU B 139 -2.13 6.45 34.81
N VAL B 140 -2.36 5.76 35.93
CA VAL B 140 -1.61 6.03 37.16
C VAL B 140 -0.17 5.58 36.97
N LEU B 141 0.79 6.44 37.29
CA LEU B 141 2.17 6.11 37.03
C LEU B 141 2.73 5.29 38.21
N PRO B 142 3.83 4.53 37.98
CA PRO B 142 4.41 3.75 39.06
C PRO B 142 4.99 4.62 40.16
N GLU B 143 4.98 4.09 41.39
CA GLU B 143 5.57 4.81 42.53
C GLU B 143 6.98 5.25 42.16
N GLY B 144 7.33 6.48 42.47
CA GLY B 144 8.66 6.98 42.10
C GLY B 144 8.81 7.55 40.70
N ALA B 145 7.78 7.42 39.85
CA ALA B 145 7.87 8.01 38.51
C ALA B 145 7.49 9.48 38.63
N THR B 146 8.31 10.38 38.11
CA THR B 146 7.92 11.78 37.99
C THR B 146 7.03 11.96 36.76
N PRO B 147 6.34 13.09 36.67
CA PRO B 147 5.65 13.43 35.44
C PRO B 147 6.55 13.34 34.24
N ALA B 148 7.78 13.86 34.33
CA ALA B 148 8.70 13.70 33.19
C ALA B 148 8.95 12.23 32.80
N ASP B 149 9.05 11.34 33.79
CA ASP B 149 9.16 9.89 33.51
C ASP B 149 7.97 9.33 32.73
N GLY B 150 6.79 9.90 32.95
CA GLY B 150 5.55 9.44 32.35
C GLY B 150 4.98 10.31 31.23
N ALA B 151 5.74 11.33 30.83
CA ALA B 151 5.26 12.31 29.87
C ALA B 151 4.89 11.68 28.51
N SER B 152 5.66 10.66 28.14
CA SER B 152 5.54 10.05 26.82
C SER B 152 5.17 8.58 27.01
N SER B 153 4.06 8.29 27.69
CA SER B 153 3.65 6.93 28.00
C SER B 153 2.82 6.27 26.90
N PHE B 154 2.24 7.06 26.02
CA PHE B 154 1.22 6.56 25.11
C PHE B 154 1.73 6.46 23.68
N VAL B 155 2.00 7.61 23.09
CA VAL B 155 2.20 7.67 21.66
C VAL B 155 3.39 6.81 21.21
N ASN B 156 4.57 7.05 21.74
CA ASN B 156 5.71 6.28 21.25
C ASN B 156 5.73 4.81 21.78
N PRO B 157 5.48 4.61 23.06
CA PRO B 157 5.50 3.22 23.57
C PRO B 157 4.46 2.31 22.92
N LEU B 158 3.23 2.78 22.78
CA LEU B 158 2.18 1.95 22.26
C LEU B 158 2.34 1.76 20.74
N THR B 159 2.93 2.76 20.07
CA THR B 159 3.20 2.61 18.63
C THR B 159 4.29 1.54 18.45
N ALA B 160 5.34 1.59 19.26
CA ALA B 160 6.41 0.62 19.16
C ALA B 160 5.86 -0.79 19.41
N LEU B 161 5.10 -0.95 20.47
CA LEU B 161 4.49 -2.25 20.74
C LEU B 161 3.51 -2.62 19.64
N GLY B 162 2.80 -1.64 19.11
CA GLY B 162 1.83 -1.89 18.04
C GLY B 162 2.51 -2.33 16.75
N VAL B 164 5.18 -4.34 16.62
CA VAL B 164 5.38 -5.74 16.86
C VAL B 164 4.07 -6.52 16.82
N GLU B 165 3.03 -5.95 17.40
CA GLU B 165 1.74 -6.59 17.40
C GLU B 165 1.22 -6.78 15.97
N THR B 166 1.39 -5.74 15.14
CA THR B 166 0.97 -5.77 13.75
C THR B 166 1.77 -6.81 12.98
N ARG B 168 3.03 -9.55 14.12
CA ARG B 168 2.51 -10.86 14.47
CA ARG B 168 2.54 -10.87 14.48
C ARG B 168 1.16 -11.14 13.85
N LEU B 169 0.25 -10.17 13.97
CA LEU B 169 -1.11 -10.31 13.49
C LEU B 169 -1.17 -10.55 12.01
N GLU B 170 -0.21 -9.99 11.28
CA GLU B 170 -0.24 -10.06 9.84
C GLU B 170 0.68 -11.12 9.30
N GLY B 171 1.21 -11.95 10.20
CA GLY B 171 1.86 -13.19 9.82
C GLY B 171 3.35 -13.04 9.50
N HIS B 172 3.96 -11.95 9.94
CA HIS B 172 5.40 -11.76 9.75
C HIS B 172 6.19 -12.18 10.99
N SER B 173 7.46 -12.41 10.80
CA SER B 173 8.34 -12.84 11.94
C SER B 173 9.41 -11.85 12.37
N ALA B 174 9.72 -10.85 11.55
CA ALA B 174 10.78 -9.84 11.82
C ALA B 174 10.38 -8.56 11.14
N LEU B 175 10.99 -7.47 11.55
CA LEU B 175 10.55 -6.18 11.03
C LEU B 175 11.68 -5.22 10.73
N VAL B 176 11.36 -4.20 9.95
CA VAL B 176 12.25 -3.12 9.56
C VAL B 176 11.65 -1.84 10.11
N HIS B 177 12.48 -0.93 10.59
CA HIS B 177 12.02 0.34 11.08
C HIS B 177 12.97 1.44 10.60
N THR B 178 12.43 2.52 10.04
CA THR B 178 13.23 3.65 9.57
C THR B 178 13.19 4.82 10.53
N ALA B 179 14.03 5.82 10.26
CA ALA B 179 14.30 6.87 11.22
C ALA B 179 14.53 6.27 12.61
N ALA B 180 15.35 5.22 12.67
CA ALA B 180 15.34 4.31 13.81
C ALA B 180 16.02 4.87 15.07
N ALA B 181 16.78 5.94 14.93
CA ALA B 181 17.35 6.63 16.12
C ALA B 181 16.40 7.64 16.77
N SER B 182 15.16 7.70 16.32
CA SER B 182 14.17 8.43 17.02
C SER B 182 13.91 7.85 18.43
N ASN B 183 13.26 8.60 19.29
CA ASN B 183 12.90 8.05 20.60
C ASN B 183 12.05 6.79 20.46
N LEU B 184 11.11 6.81 19.53
CA LEU B 184 10.31 5.62 19.23
C LEU B 184 11.19 4.46 18.77
N GLY B 185 12.11 4.69 17.83
CA GLY B 185 13.01 3.67 17.36
C GLY B 185 13.89 3.05 18.42
N GLN B 186 14.36 3.87 19.35
CA GLN B 186 15.14 3.36 20.47
C GLN B 186 14.33 2.38 21.32
N LEU B 188 11.66 0.63 20.23
CA LEU B 188 11.42 -0.56 19.44
C LEU B 188 12.62 -1.49 19.50
N ASN B 189 13.82 -0.90 19.38
CA ASN B 189 15.01 -1.70 19.48
C ASN B 189 15.10 -2.45 20.80
N GLN B 190 14.76 -1.78 21.92
CA GLN B 190 14.78 -2.44 23.24
C GLN B 190 13.77 -3.59 23.30
N ILE B 191 12.59 -3.34 22.76
CA ILE B 191 11.54 -4.34 22.72
C ILE B 191 12.03 -5.56 21.93
N CYS B 192 12.60 -5.33 20.76
CA CYS B 192 13.02 -6.41 19.91
C CYS B 192 14.17 -7.21 20.51
N LEU B 193 15.12 -6.53 21.16
CA LEU B 193 16.22 -7.24 21.78
C LEU B 193 15.68 -8.12 22.92
N LYS B 194 14.81 -7.56 23.74
CA LYS B 194 14.30 -8.29 24.88
CA LYS B 194 14.27 -8.28 24.89
C LYS B 194 13.42 -9.46 24.45
N ASP B 195 12.66 -9.28 23.39
CA ASP B 195 11.68 -10.28 22.99
C ASP B 195 12.23 -11.26 21.95
N GLY B 196 13.47 -11.06 21.50
CA GLY B 196 14.08 -11.96 20.51
C GLY B 196 13.50 -11.82 19.12
N ILE B 197 13.10 -10.60 18.79
CA ILE B 197 12.54 -10.27 17.49
C ILE B 197 13.63 -9.65 16.61
N LYS B 198 13.85 -10.26 15.46
CA LYS B 198 14.89 -9.74 14.58
C LYS B 198 14.39 -8.42 13.95
N LEU B 199 15.29 -7.47 13.83
CA LEU B 199 14.95 -6.11 13.50
C LEU B 199 16.04 -5.51 12.61
N VAL B 200 15.62 -4.84 11.55
CA VAL B 200 16.55 -4.04 10.75
C VAL B 200 16.25 -2.55 11.05
N ASN B 201 17.23 -1.85 11.57
CA ASN B 201 17.14 -0.43 11.83
C ASN B 201 17.73 0.36 10.67
N ILE B 202 17.03 1.39 10.21
CA ILE B 202 17.53 2.22 9.13
C ILE B 202 17.62 3.65 9.63
N VAL B 203 18.80 4.23 9.46
CA VAL B 203 19.08 5.60 9.85
C VAL B 203 19.68 6.35 8.65
N ARG B 204 19.98 7.63 8.82
CA ARG B 204 20.64 8.35 7.74
C ARG B 204 21.96 9.04 8.08
N LYS B 205 22.48 8.87 9.29
CA LYS B 205 23.77 9.44 9.69
C LYS B 205 24.52 8.42 10.55
N GLN B 206 25.85 8.45 10.50
CA GLN B 206 26.62 7.47 11.25
C GLN B 206 26.43 7.66 12.76
N GLU B 207 26.11 8.88 13.19
CA GLU B 207 25.88 9.17 14.61
C GLU B 207 24.70 8.35 15.09
N GLN B 208 23.65 8.34 14.28
CA GLN B 208 22.42 7.61 14.57
C GLN B 208 22.70 6.14 14.68
N ALA B 209 23.51 5.62 13.76
CA ALA B 209 23.88 4.24 13.77
C ALA B 209 24.67 3.90 15.03
N ASP B 210 25.54 4.83 15.47
CA ASP B 210 26.37 4.64 16.69
C ASP B 210 25.50 4.60 17.93
N LEU B 211 24.51 5.49 17.99
CA LEU B 211 23.61 5.55 19.14
C LEU B 211 22.92 4.18 19.30
N LEU B 212 22.43 3.65 18.18
CA LEU B 212 21.72 2.36 18.21
C LEU B 212 22.68 1.22 18.50
N LYS B 213 23.87 1.23 17.91
CA LYS B 213 24.87 0.19 18.19
C LYS B 213 25.26 0.22 19.66
N ALA B 214 25.45 1.42 20.22
CA ALA B 214 25.73 1.61 21.65
C ALA B 214 24.61 1.01 22.50
N GLN B 215 23.39 1.00 21.98
CA GLN B 215 22.23 0.43 22.68
C GLN B 215 21.95 -1.03 22.30
N GLY B 216 22.88 -1.67 21.61
CA GLY B 216 22.83 -3.09 21.33
C GLY B 216 22.15 -3.54 20.04
N ALA B 217 21.78 -2.59 19.20
CA ALA B 217 21.17 -2.94 17.92
C ALA B 217 22.07 -3.87 17.12
N VAL B 218 21.48 -4.93 16.59
CA VAL B 218 22.18 -5.92 15.82
C VAL B 218 22.42 -5.48 14.36
N HIS B 219 21.38 -4.94 13.72
CA HIS B 219 21.43 -4.52 12.30
C HIS B 219 21.05 -3.05 12.20
N VAL B 220 22.01 -2.22 11.77
CA VAL B 220 21.79 -0.82 11.52
C VAL B 220 22.33 -0.52 10.11
N CYS B 221 21.44 -0.05 9.24
CA CYS B 221 21.80 0.32 7.88
C CYS B 221 21.66 1.81 7.74
N ASN B 222 22.66 2.43 7.11
CA ASN B 222 22.68 3.84 6.92
C ASN B 222 22.27 4.15 5.49
N ALA B 223 21.18 4.90 5.35
CA ALA B 223 20.65 5.21 4.03
C ALA B 223 21.65 6.10 3.26
N ALA B 224 22.46 6.86 3.97
CA ALA B 224 23.49 7.71 3.36
C ALA B 224 24.63 6.93 2.73
N SER B 225 24.73 5.65 3.02
CA SER B 225 25.90 4.88 2.67
C SER B 225 25.88 4.43 1.22
N PRO B 226 27.05 4.42 0.55
CA PRO B 226 27.06 4.01 -0.84
C PRO B 226 26.79 2.51 -1.05
N THR B 227 26.82 1.71 0.01
CA THR B 227 26.49 0.27 -0.12
C THR B 227 25.15 -0.03 0.57
N PHE B 228 24.34 0.99 0.77
CA PHE B 228 23.05 0.82 1.46
C PHE B 228 22.22 -0.38 0.95
N GLN B 230 23.03 -3.07 -0.76
CA GLN B 230 23.73 -4.28 -0.38
C GLN B 230 23.58 -4.54 1.12
N ASP B 231 23.88 -3.54 1.94
CA ASP B 231 23.81 -3.65 3.39
C ASP B 231 22.39 -4.06 3.82
N LEU B 232 21.39 -3.44 3.21
CA LEU B 232 20.02 -3.70 3.61
C LEU B 232 19.61 -5.09 3.19
N THR B 233 19.99 -5.49 1.98
CA THR B 233 19.63 -6.81 1.50
C THR B 233 20.21 -7.90 2.43
N GLU B 234 21.48 -7.72 2.79
CA GLU B 234 22.17 -8.66 3.67
CA GLU B 234 22.21 -8.62 3.71
C GLU B 234 21.46 -8.71 5.03
N ALA B 235 21.09 -7.55 5.58
CA ALA B 235 20.34 -7.48 6.85
C ALA B 235 18.96 -8.18 6.74
N LEU B 236 18.34 -8.08 5.57
CA LEU B 236 17.06 -8.76 5.36
C LEU B 236 17.20 -10.26 5.19
N VAL B 237 18.30 -10.71 4.58
CA VAL B 237 18.57 -12.15 4.54
C VAL B 237 18.75 -12.69 5.95
N SER B 238 19.47 -11.93 6.75
CA SER B 238 19.76 -12.30 8.14
CA SER B 238 19.73 -12.33 8.13
C SER B 238 18.49 -12.35 9.01
N THR B 239 17.64 -11.35 8.87
CA THR B 239 16.48 -11.22 9.73
C THR B 239 15.21 -11.93 9.25
N GLY B 240 15.08 -12.12 7.94
CA GLY B 240 13.86 -12.59 7.33
C GLY B 240 12.67 -11.60 7.44
N ALA B 241 12.97 -10.31 7.64
CA ALA B 241 11.89 -9.34 7.85
C ALA B 241 11.12 -9.11 6.55
N THR B 242 9.81 -9.10 6.70
CA THR B 242 8.91 -8.85 5.58
C THR B 242 7.85 -7.77 5.88
N ILE B 243 7.95 -7.13 7.03
CA ILE B 243 7.12 -5.94 7.28
C ILE B 243 8.02 -4.80 7.72
N ALA B 244 7.64 -3.60 7.30
CA ALA B 244 8.43 -2.41 7.57
C ALA B 244 7.56 -1.28 8.03
N PHE B 245 8.07 -0.52 9.00
CA PHE B 245 7.46 0.70 9.43
C PHE B 245 8.34 1.87 9.07
N ASP B 246 7.79 2.74 8.21
CA ASP B 246 8.59 3.83 7.65
C ASP B 246 8.01 5.15 8.15
N ALA B 247 8.83 5.90 8.88
CA ALA B 247 8.46 7.22 9.36
C ALA B 247 8.68 8.30 8.32
N THR B 248 9.43 8.00 7.25
CA THR B 248 9.79 9.04 6.27
C THR B 248 8.62 9.34 5.33
N GLY B 249 8.01 8.30 4.76
CA GLY B 249 6.77 8.42 3.98
C GLY B 249 7.08 8.79 2.53
N GLY B 250 7.56 10.02 2.36
CA GLY B 250 8.10 10.48 1.05
C GLY B 250 9.40 9.87 0.62
N GLY B 251 9.82 10.23 -0.58
CA GLY B 251 11.04 9.71 -1.12
C GLY B 251 11.05 8.23 -1.48
N LYS B 252 12.20 7.61 -1.39
CA LYS B 252 12.43 6.30 -2.02
C LYS B 252 12.54 5.13 -1.05
N LEU B 253 12.61 5.40 0.25
CA LEU B 253 12.99 4.38 1.20
C LEU B 253 12.01 3.20 1.24
N GLY B 254 10.71 3.49 1.18
CA GLY B 254 9.70 2.45 1.17
C GLY B 254 9.89 1.47 0.05
N GLY B 255 10.08 1.98 -1.17
CA GLY B 255 10.31 1.09 -2.30
C GLY B 255 11.65 0.39 -2.22
N GLN B 256 12.66 1.08 -1.71
CA GLN B 256 13.97 0.46 -1.52
C GLN B 256 13.87 -0.77 -0.63
N ILE B 257 13.10 -0.63 0.42
CA ILE B 257 12.93 -1.73 1.35
C ILE B 257 12.23 -2.91 0.70
N LEU B 258 11.14 -2.67 -0.02
CA LEU B 258 10.46 -3.71 -0.82
C LEU B 258 11.35 -4.42 -1.82
N THR B 259 12.20 -3.65 -2.48
CA THR B 259 13.09 -4.20 -3.50
C THR B 259 14.11 -5.10 -2.81
N CYS B 260 14.66 -4.65 -1.69
CA CYS B 260 15.59 -5.47 -0.95
C CYS B 260 14.96 -6.69 -0.30
N GLU B 262 12.47 -8.44 -1.57
CA GLU B 262 12.25 -9.41 -2.64
C GLU B 262 13.55 -10.08 -3.02
N ALA B 263 14.62 -9.30 -3.12
CA ALA B 263 15.97 -9.83 -3.34
C ALA B 263 16.36 -10.88 -2.29
N ALA B 264 16.16 -10.55 -1.02
CA ALA B 264 16.40 -11.47 0.09
C ALA B 264 15.55 -12.72 -0.06
N LEU B 265 14.25 -12.56 -0.31
CA LEU B 265 13.37 -13.72 -0.46
C LEU B 265 13.79 -14.63 -1.61
N ASN B 266 14.30 -14.02 -2.70
CA ASN B 266 14.58 -14.77 -3.92
C ASN B 266 15.82 -15.62 -3.74
N LYS B 267 16.68 -15.23 -2.81
CA LYS B 267 17.84 -16.06 -2.50
C LYS B 267 17.39 -17.46 -2.10
N SER B 268 16.22 -17.63 -1.48
CA SER B 268 15.72 -18.97 -1.17
C SER B 268 14.59 -19.49 -2.10
N ALA B 269 14.39 -18.85 -3.25
CA ALA B 269 13.38 -19.29 -4.23
C ALA B 269 13.71 -20.66 -4.87
N ARG B 270 12.76 -21.60 -4.81
CA ARG B 270 12.93 -22.98 -5.30
C ARG B 270 12.54 -23.12 -6.79
N GLU B 271 11.47 -22.43 -7.23
CA GLU B 271 11.05 -22.42 -8.64
C GLU B 271 11.23 -21.04 -9.29
N TYR B 272 10.95 -20.95 -10.59
CA TYR B 272 10.81 -19.67 -11.27
C TYR B 272 9.40 -19.18 -11.02
N SER B 273 9.25 -17.98 -10.50
CA SER B 273 7.91 -17.46 -10.31
C SER B 273 7.71 -16.27 -11.24
N ARG B 274 6.76 -16.46 -12.15
CA ARG B 274 6.29 -15.39 -13.04
C ARG B 274 6.11 -14.04 -12.30
N TYR B 275 5.55 -14.06 -11.10
CA TYR B 275 5.20 -12.81 -10.39
C TYR B 275 6.02 -12.58 -9.09
N GLY B 276 7.19 -13.18 -9.04
CA GLY B 276 8.04 -13.08 -7.88
C GLY B 276 7.63 -14.03 -6.78
N SER B 277 8.24 -13.81 -5.60
CA SER B 277 7.94 -14.53 -4.37
C SER B 277 6.48 -14.38 -4.07
N THR B 278 5.85 -15.46 -3.60
CA THR B 278 4.50 -15.36 -3.08
C THR B 278 4.44 -14.78 -1.65
N THR B 279 5.58 -14.57 -1.01
CA THR B 279 5.59 -14.08 0.38
C THR B 279 5.24 -12.58 0.40
N HIS B 280 4.16 -12.25 1.08
CA HIS B 280 3.73 -10.87 1.17
C HIS B 280 4.69 -9.96 1.94
N LYS B 281 5.03 -8.82 1.32
CA LYS B 281 5.90 -7.83 1.90
C LYS B 281 5.00 -6.61 2.14
N GLN B 282 5.07 -6.05 3.33
CA GLN B 282 4.27 -4.89 3.72
C GLN B 282 5.11 -3.72 4.22
N VAL B 283 4.83 -2.53 3.71
CA VAL B 283 5.41 -1.31 4.25
C VAL B 283 4.29 -0.42 4.73
N TYR B 284 4.34 -0.07 6.00
CA TYR B 284 3.46 0.92 6.59
C TYR B 284 4.17 2.26 6.70
N LEU B 285 3.56 3.29 6.14
CA LEU B 285 4.04 4.69 6.23
C LEU B 285 3.32 5.29 7.41
N TYR B 286 3.99 5.34 8.55
CA TYR B 286 3.36 5.77 9.76
C TYR B 286 3.82 7.18 10.14
N GLY B 287 4.75 7.74 9.37
CA GLY B 287 5.04 9.17 9.49
C GLY B 287 5.32 9.82 8.15
N GLY B 288 5.57 11.12 8.18
CA GLY B 288 5.81 11.87 6.96
C GLY B 288 6.98 12.82 7.07
N LEU B 289 8.04 12.35 7.70
CA LEU B 289 9.24 13.16 7.92
C LEU B 289 9.77 13.69 6.59
N ASP B 290 9.65 12.92 5.50
CA ASP B 290 10.17 13.35 4.19
C ASP B 290 8.93 13.76 3.41
N THR B 291 8.77 15.05 3.13
CA THR B 291 7.53 15.57 2.52
C THR B 291 7.54 15.52 0.99
N SER B 292 8.60 14.99 0.39
CA SER B 292 8.69 14.83 -1.05
C SER B 292 7.73 13.72 -1.52
N PRO B 293 7.46 13.66 -2.83
CA PRO B 293 6.63 12.54 -3.28
C PRO B 293 7.22 11.17 -2.96
N THR B 294 6.35 10.24 -2.61
CA THR B 294 6.74 8.82 -2.58
C THR B 294 6.97 8.34 -4.00
N GLU B 295 8.07 7.62 -4.22
CA GLU B 295 8.44 7.17 -5.55
C GLU B 295 9.11 5.83 -5.48
N PHE B 296 8.72 4.90 -6.33
CA PHE B 296 9.38 3.61 -6.40
C PHE B 296 9.14 2.89 -7.72
N ASN B 297 10.13 2.10 -8.12
CA ASN B 297 9.97 1.10 -9.17
C ASN B 297 9.41 -0.19 -8.60
N ARG B 298 8.71 -0.93 -9.41
CA ARG B 298 7.99 -2.07 -8.95
C ARG B 298 8.77 -3.27 -9.42
N ASN B 299 9.90 -3.50 -8.77
CA ASN B 299 10.80 -4.60 -9.08
CA ASN B 299 10.75 -4.64 -9.10
C ASN B 299 10.77 -5.58 -7.93
N PHE B 300 9.59 -5.88 -7.41
CA PHE B 300 9.44 -6.78 -6.28
C PHE B 300 8.26 -7.72 -6.39
N GLY B 301 7.79 -7.95 -7.62
CA GLY B 301 6.68 -8.86 -7.80
C GLY B 301 5.35 -8.25 -7.37
N ALA B 303 3.35 -9.56 -4.66
CA ALA B 303 2.94 -9.84 -3.31
C ALA B 303 3.51 -8.78 -2.38
N TRP B 304 2.87 -7.61 -2.43
CA TRP B 304 3.28 -6.47 -1.63
C TRP B 304 2.11 -5.55 -1.31
N GLY B 305 2.29 -4.77 -0.26
CA GLY B 305 1.37 -3.68 0.02
C GLY B 305 2.10 -2.58 0.73
N GLY B 307 0.80 1.17 2.90
CA GLY B 307 -0.35 1.91 3.36
C GLY B 307 -0.07 2.68 4.63
N GLY B 308 -1.06 3.47 5.06
CA GLY B 308 -0.95 4.26 6.27
C GLY B 308 -1.11 3.37 7.50
N TRP B 309 -0.59 3.83 8.63
CA TRP B 309 -0.79 3.20 9.93
C TRP B 309 -0.93 4.28 10.96
N LEU B 310 -1.94 4.13 11.81
CA LEU B 310 -2.20 5.05 12.89
C LEU B 310 -2.50 4.34 14.20
N LEU B 311 -1.98 4.92 15.27
CA LEU B 311 -2.08 4.30 16.58
C LEU B 311 -3.51 4.08 17.03
N PHE B 312 -4.35 5.10 16.96
CA PHE B 312 -5.67 4.94 17.57
C PHE B 312 -6.56 3.87 16.91
N PRO B 313 -6.61 3.84 15.57
CA PRO B 313 -7.31 2.75 14.91
C PRO B 313 -6.71 1.36 15.25
N PHE B 314 -5.39 1.28 15.40
CA PHE B 314 -4.74 0.05 15.84
C PHE B 314 -5.27 -0.38 17.19
N LEU B 315 -5.30 0.55 18.13
CA LEU B 315 -5.73 0.21 19.50
C LEU B 315 -7.18 -0.24 19.53
N GLN B 316 -7.98 0.37 18.67
CA GLN B 316 -9.38 -0.01 18.57
CA GLN B 316 -9.38 -0.03 18.59
C GLN B 316 -9.50 -1.44 18.01
N LYS B 317 -8.62 -1.80 17.10
CA LYS B 317 -8.66 -3.13 16.50
C LYS B 317 -8.31 -4.25 17.46
N ILE B 318 -7.31 -4.07 18.30
CA ILE B 318 -6.87 -5.12 19.19
C ILE B 318 -7.80 -5.20 20.41
N GLY B 319 -8.52 -4.11 20.66
CA GLY B 319 -9.49 -4.03 21.74
C GLY B 319 -8.93 -3.58 23.07
N ARG B 320 -9.82 -3.26 24.01
CA ARG B 320 -9.38 -2.57 25.20
C ARG B 320 -8.59 -3.45 26.14
N GLU B 321 -8.92 -4.73 26.20
CA GLU B 321 -8.18 -5.62 27.10
C GLU B 321 -6.75 -5.77 26.65
N ARG B 322 -6.58 -6.01 25.36
CA ARG B 322 -5.24 -6.19 24.81
C ARG B 322 -4.49 -4.87 24.89
N ALA B 323 -5.16 -3.76 24.61
CA ALA B 323 -4.54 -2.44 24.78
C ALA B 323 -4.04 -2.27 26.22
N ASN B 324 -4.84 -2.73 27.19
CA ASN B 324 -4.44 -2.65 28.59
C ASN B 324 -3.21 -3.48 28.91
N ALA B 325 -3.09 -4.67 28.28
CA ALA B 325 -1.94 -5.56 28.48
C ALA B 325 -0.72 -4.79 27.96
N LEU B 326 -0.85 -4.12 26.83
CA LEU B 326 0.27 -3.30 26.32
C LEU B 326 0.66 -2.16 27.27
N LYS B 327 -0.33 -1.41 27.74
CA LYS B 327 -0.08 -0.37 28.73
C LYS B 327 0.56 -0.85 30.02
N GLN B 328 0.16 -2.02 30.46
CA GLN B 328 0.73 -2.62 31.66
C GLN B 328 2.22 -2.86 31.46
N ARG B 329 2.59 -3.32 30.27
CA ARG B 329 4.00 -3.50 29.97
C ARG B 329 4.73 -2.17 30.00
N VAL B 330 4.11 -1.11 29.47
CA VAL B 330 4.76 0.19 29.40
C VAL B 330 4.99 0.71 30.83
N VAL B 331 3.99 0.57 31.68
CA VAL B 331 4.13 0.97 33.08
C VAL B 331 5.27 0.18 33.77
N ALA B 332 5.35 -1.11 33.49
CA ALA B 332 6.31 -2.00 34.17
C ALA B 332 7.73 -1.69 33.72
N GLU B 333 7.89 -1.28 32.46
CA GLU B 333 9.18 -1.02 31.88
C GLU B 333 9.40 0.46 31.53
N LEU B 334 8.71 1.33 32.25
CA LEU B 334 8.66 2.74 31.90
C LEU B 334 10.01 3.39 31.81
N LYS B 335 10.89 3.07 32.75
CA LYS B 335 12.20 3.69 32.83
C LYS B 335 13.32 2.92 32.14
N THR B 336 12.99 1.77 31.56
CA THR B 336 13.96 0.93 30.91
C THR B 336 13.60 0.88 29.42
N THR B 337 12.81 -0.11 29.04
CA THR B 337 12.44 -0.29 27.62
C THR B 337 11.85 1.00 27.02
N PHE B 338 11.05 1.68 27.80
CA PHE B 338 10.26 2.81 27.30
C PHE B 338 10.75 4.16 27.75
N ALA B 339 12.01 4.23 28.16
CA ALA B 339 12.65 5.50 28.49
C ALA B 339 12.72 6.41 27.27
N SER B 340 12.50 7.69 27.50
CA SER B 340 12.61 8.72 26.48
C SER B 340 13.71 9.68 26.89
N HIS B 341 14.45 10.20 25.92
CA HIS B 341 15.49 11.25 26.15
CA HIS B 341 15.42 11.21 26.25
C HIS B 341 15.01 12.54 25.57
N TYR B 342 15.19 13.62 26.31
CA TYR B 342 14.87 14.96 25.82
C TYR B 342 16.08 15.86 25.97
N SER B 343 16.34 16.72 24.99
CA SER B 343 17.50 17.58 25.04
C SER B 343 17.23 18.79 25.93
N LYS B 344 15.97 19.13 26.12
CA LYS B 344 15.64 20.32 26.88
CA LYS B 344 15.63 20.33 26.88
C LYS B 344 14.21 20.24 27.41
N GLU B 345 13.98 20.84 28.58
CA GLU B 345 12.65 21.03 29.14
C GLU B 345 12.36 22.53 29.12
N ILE B 346 11.24 22.91 28.50
CA ILE B 346 10.91 24.32 28.31
C ILE B 346 9.50 24.67 28.81
N SER B 347 9.28 25.95 29.07
CA SER B 347 7.99 26.49 29.52
C SER B 347 7.02 26.63 28.34
N LEU B 348 5.73 26.88 28.60
CA LEU B 348 4.80 27.16 27.51
C LEU B 348 5.25 28.36 26.71
N ALA B 349 5.63 29.43 27.40
CA ALA B 349 6.09 30.65 26.68
C ALA B 349 7.29 30.32 25.76
N GLU B 350 8.20 29.50 26.26
CA GLU B 350 9.35 29.09 25.47
C GLU B 350 9.04 28.29 24.21
N VAL B 351 7.89 27.60 24.19
CA VAL B 351 7.44 26.92 22.96
C VAL B 351 7.35 27.91 21.80
N LEU B 352 7.00 29.14 22.13
CA LEU B 352 6.81 30.18 21.11
C LEU B 352 7.99 31.12 20.97
N ASP B 353 9.15 30.73 21.47
CA ASP B 353 10.39 31.49 21.30
C ASP B 353 10.98 31.02 19.96
N LEU B 354 11.22 31.95 19.04
CA LEU B 354 11.69 31.57 17.70
C LEU B 354 13.03 30.82 17.73
N ASP B 355 13.88 31.11 18.69
CA ASP B 355 15.15 30.36 18.86
C ASP B 355 14.92 28.92 19.31
N ILE B 357 12.04 27.22 18.63
CA ILE B 357 11.38 26.61 17.48
C ILE B 357 12.42 26.14 16.44
N ALA B 358 13.41 26.98 16.22
CA ALA B 358 14.47 26.71 15.25
C ALA B 358 15.14 25.36 15.50
N VAL B 359 15.30 24.98 16.78
CA VAL B 359 15.85 23.66 17.13
C VAL B 359 14.83 22.54 17.11
N TYR B 360 13.78 22.67 17.92
CA TYR B 360 12.90 21.56 18.07
C TYR B 360 12.12 21.23 16.81
N ASN B 361 11.90 22.22 15.96
CA ASN B 361 11.18 21.94 14.72
C ASN B 361 12.05 21.29 13.62
N LYS B 362 13.30 20.92 13.94
CA LYS B 362 14.11 20.04 13.06
C LYS B 362 13.74 18.55 13.15
N ARG B 363 13.13 18.10 14.25
CA ARG B 363 12.95 16.66 14.51
CA ARG B 363 12.96 16.64 14.53
C ARG B 363 14.31 15.92 14.41
N ALA B 364 15.34 16.59 14.91
CA ALA B 364 16.70 16.08 14.91
C ALA B 364 16.92 14.98 15.98
N THR B 365 17.77 13.99 15.66
CA THR B 365 18.12 12.92 16.61
C THR B 365 18.61 13.47 17.93
N GLY B 366 18.07 12.93 19.03
CA GLY B 366 18.46 13.38 20.37
C GLY B 366 17.98 14.80 20.75
N GLU B 367 17.16 15.42 19.90
CA GLU B 367 16.76 16.82 20.10
C GLU B 367 15.24 16.94 20.21
N LYS B 368 14.63 16.03 20.97
CA LYS B 368 13.25 16.17 21.36
C LYS B 368 13.16 17.05 22.61
N TYR B 369 12.19 17.94 22.58
CA TYR B 369 11.96 18.85 23.67
C TYR B 369 10.79 18.35 24.50
N LEU B 370 10.88 18.59 25.80
CA LEU B 370 9.79 18.35 26.75
C LEU B 370 9.26 19.70 27.23
N ILE B 371 7.94 19.87 27.25
CA ILE B 371 7.26 21.06 27.76
C ILE B 371 6.79 20.77 29.15
N ASN B 372 7.11 21.67 30.06
CA ASN B 372 6.49 21.72 31.37
C ASN B 372 5.63 22.99 31.41
N PRO B 373 4.31 22.83 31.21
CA PRO B 373 3.40 23.95 31.18
C PRO B 373 3.38 24.79 32.41
N ASN B 374 3.81 24.24 33.54
CA ASN B 374 3.86 24.99 34.77
C ASN B 374 5.24 25.42 35.21
N LYS B 375 6.26 25.24 34.37
N LYS B 375 6.22 25.24 34.32
CA LYS B 375 7.69 25.35 34.78
CA LYS B 375 7.52 25.86 34.49
C LYS B 375 8.08 26.46 35.78
C LYS B 375 7.31 27.37 34.52
N GLY B 376 8.92 26.10 36.76
N GLY B 376 7.71 27.94 35.65
CA GLY B 376 9.45 27.06 37.71
CA GLY B 376 7.71 29.38 35.81
C GLY B 376 8.45 27.67 38.66
C GLY B 376 6.38 30.04 36.07
N LEU B 377 7.22 27.14 38.67
N LEU B 377 5.36 29.25 36.37
CA LEU B 377 6.17 27.69 39.51
CA LEU B 377 4.02 29.78 36.57
C LEU B 377 5.80 26.71 40.61
C LEU B 377 3.39 29.33 37.90
#